data_8P96
#
_entry.id   8P96
#
_cell.length_a   94.349
_cell.length_b   94.349
_cell.length_c   444.751
_cell.angle_alpha   90.000
_cell.angle_beta   90.000
_cell.angle_gamma   120.000
#
_symmetry.space_group_name_H-M   'P 65 2 2'
#
loop_
_entity.id
_entity.type
_entity.pdbx_description
1 polymer 'N-acyl-phosphatidylethanolamine-hydrolyzing phospholipase D'
2 non-polymer 'ZINC ION'
3 non-polymer 1,2-Distearoyl-sn-glycerophosphoethanolamine
4 non-polymer '(3ALPHA,5BETA,12ALPHA)-3,12-DIHYDROXYCHOLAN-24-OIC ACID'
5 non-polymer 'naphthalene-1,3,7-trisulfonic acid'
6 water water
#
_entity_poly.entity_id   1
_entity_poly.type   'polypeptide(L)'
_entity_poly.pdbx_seq_one_letter_code
;MDENESNQSLMTSSQYPKEAVRKRQNSARNSGASDSSRFSRKSFKLDYRLEEDVTKSKKGKDGRFVNPWPTWKNPSIPNV
LRWLIMEKDHSSVPSSKEELDKELPVLKPYFITNPEEAGVREAGLRVTWLGHATVMVEMDELIFLTDPIFSSRASPSQYM
GPKRFRRSPCTISELPPIDAVLISHNHYDHLDYNSVIALNERFGNELRWFVPLGLLDWMQKCGCENVIELDWWEENCVPG
HDKVTFVFTPSQHWCKRTLMDDNKVLWGSWSVLGPWNRFFFAGDTGYCPAFEEIGKRFGPFDLAAIPIGAYEPRWFMKYQ
HVDPEEAVRIHTDVQTKKSMAIHWGTFALANEHYLEPPVKLNEALERYGLNAEDFFVLKHGESRYLNNDDENF
;
_entity_poly.pdbx_strand_id   A,B
#
# COMPACT_ATOMS: atom_id res chain seq x y z
N SER A 57 22.89 22.31 -33.85
CA SER A 57 21.56 22.88 -34.16
C SER A 57 21.07 23.74 -32.99
N LYS A 58 20.02 24.53 -33.21
CA LYS A 58 19.50 25.44 -32.16
C LYS A 58 19.27 24.64 -30.87
N LYS A 59 18.86 23.37 -30.99
CA LYS A 59 18.56 22.51 -29.81
C LYS A 59 19.47 22.87 -28.63
N GLY A 60 18.89 23.23 -27.48
CA GLY A 60 19.69 23.53 -26.28
C GLY A 60 19.87 22.29 -25.42
N LYS A 61 20.97 21.55 -25.62
CA LYS A 61 21.20 20.28 -24.88
C LYS A 61 21.67 20.59 -23.46
N ASP A 62 22.95 20.39 -23.16
CA ASP A 62 23.52 20.62 -21.80
C ASP A 62 23.29 19.37 -20.93
N GLY A 63 24.07 19.23 -19.86
CA GLY A 63 25.41 19.86 -19.78
C GLY A 63 26.33 19.07 -18.89
N ARG A 64 27.22 19.77 -18.16
CA ARG A 64 28.18 19.09 -17.24
C ARG A 64 28.97 20.17 -16.49
N PHE A 65 28.52 20.52 -15.28
CA PHE A 65 29.23 21.52 -14.46
C PHE A 65 30.53 20.86 -13.99
N VAL A 66 31.41 21.61 -13.34
CA VAL A 66 32.62 21.01 -12.79
C VAL A 66 32.34 19.70 -12.06
N ASN A 67 31.07 19.41 -11.74
CA ASN A 67 30.75 18.10 -11.19
C ASN A 67 29.39 17.56 -11.68
N PRO A 68 28.20 17.98 -11.14
CA PRO A 68 26.93 17.46 -11.68
C PRO A 68 26.42 18.17 -12.92
N TRP A 69 25.16 17.84 -13.26
CA TRP A 69 24.40 18.38 -14.38
C TRP A 69 23.87 19.76 -14.01
N PRO A 70 24.05 20.76 -14.87
CA PRO A 70 23.34 22.03 -14.69
C PRO A 70 21.94 22.00 -15.26
N THR A 71 21.27 23.13 -15.14
CA THR A 71 20.07 23.32 -15.94
C THR A 71 20.39 24.04 -17.24
N TRP A 72 21.43 24.87 -17.21
CA TRP A 72 21.98 25.62 -18.33
C TRP A 72 21.01 26.73 -18.74
N LYS A 73 19.77 26.63 -18.28
CA LYS A 73 18.78 27.67 -18.48
C LYS A 73 19.13 28.90 -17.64
N ASN A 74 18.75 30.07 -18.13
CA ASN A 74 19.00 31.28 -17.36
C ASN A 74 18.26 31.33 -16.02
N PRO A 75 16.98 30.94 -15.91
CA PRO A 75 16.25 31.19 -14.64
C PRO A 75 16.74 30.41 -13.41
N SER A 76 17.51 29.33 -13.56
CA SER A 76 17.86 28.48 -12.41
C SER A 76 18.57 29.27 -11.31
N ILE A 77 18.13 29.05 -10.07
CA ILE A 77 18.75 29.72 -8.88
C ILE A 77 18.81 28.68 -7.77
N PRO A 78 19.62 28.86 -6.70
CA PRO A 78 19.63 27.92 -5.58
C PRO A 78 18.27 27.89 -4.86
N ASN A 79 17.54 26.77 -4.95
CA ASN A 79 16.24 26.64 -4.25
C ASN A 79 15.95 25.14 -3.99
N VAL A 80 16.60 24.56 -2.97
CA VAL A 80 16.41 23.12 -2.66
C VAL A 80 15.99 22.97 -1.20
N LEU A 81 16.95 22.86 -0.27
CA LEU A 81 16.63 22.79 1.16
C LEU A 81 15.44 21.87 1.42
N ARG A 82 15.68 20.55 1.34
CA ARG A 82 14.67 19.47 1.43
C ARG A 82 13.54 19.69 2.43
N TRP A 83 12.39 19.09 2.15
CA TRP A 83 11.14 19.41 2.83
C TRP A 83 10.90 18.31 3.86
N LEU A 84 11.62 18.42 4.99
CA LEU A 84 11.43 17.44 6.10
C LEU A 84 11.13 18.28 7.34
N ILE A 85 11.49 19.56 7.30
CA ILE A 85 11.20 20.49 8.43
C ILE A 85 10.96 21.86 7.77
N MET A 86 10.85 21.88 6.44
CA MET A 86 10.66 23.16 5.70
C MET A 86 9.21 23.62 5.82
N GLU A 87 8.44 23.54 4.71
CA GLU A 87 7.05 24.03 4.72
C GLU A 87 6.10 22.90 5.15
N LYS A 88 6.61 21.93 5.92
CA LYS A 88 5.76 20.80 6.39
C LYS A 88 4.40 21.36 6.76
N ASP A 89 4.36 22.50 7.47
CA ASP A 89 3.07 23.17 7.79
C ASP A 89 2.06 22.91 6.67
N HIS A 90 1.10 22.02 6.92
CA HIS A 90 0.10 21.72 5.88
C HIS A 90 -1.15 22.57 6.08
N SER A 91 -1.28 23.58 5.22
CA SER A 91 -2.36 24.55 5.25
C SER A 91 -3.42 24.30 4.19
N SER A 92 -3.28 23.27 3.37
CA SER A 92 -4.36 22.89 2.47
C SER A 92 -5.34 21.93 3.13
N VAL A 93 -4.84 21.11 4.06
CA VAL A 93 -5.63 20.24 4.93
C VAL A 93 -6.70 19.46 4.16
N PRO A 94 -6.34 18.48 3.33
CA PRO A 94 -7.35 17.53 2.85
C PRO A 94 -7.76 16.58 3.97
N SER A 95 -9.07 16.50 4.20
CA SER A 95 -9.61 15.67 5.28
C SER A 95 -11.07 15.38 4.96
N SER A 96 -11.80 14.85 5.95
CA SER A 96 -13.24 14.68 5.80
C SER A 96 -13.60 13.79 4.61
N LYS A 97 -13.48 12.46 4.75
CA LYS A 97 -13.66 11.56 3.62
C LYS A 97 -14.81 11.99 2.71
N GLU A 98 -15.85 12.59 3.30
CA GLU A 98 -16.94 13.19 2.52
C GLU A 98 -16.41 14.24 1.54
N GLU A 99 -15.47 15.08 2.00
CA GLU A 99 -14.84 16.05 1.08
C GLU A 99 -14.09 15.32 -0.04
N LEU A 100 -13.47 14.15 0.23
CA LEU A 100 -12.65 13.53 -0.78
C LEU A 100 -13.50 12.81 -1.81
N ASP A 101 -14.62 12.21 -1.38
CA ASP A 101 -15.52 11.61 -2.37
C ASP A 101 -16.09 12.67 -3.29
N LYS A 102 -16.57 13.80 -2.76
CA LYS A 102 -17.09 14.82 -3.66
C LYS A 102 -15.99 15.48 -4.50
N GLU A 103 -14.93 15.96 -3.85
CA GLU A 103 -13.90 16.76 -4.51
C GLU A 103 -13.14 15.94 -5.54
N LEU A 104 -12.53 14.85 -5.11
CA LEU A 104 -11.66 14.04 -5.95
C LEU A 104 -12.14 12.61 -5.91
N PRO A 105 -13.18 12.27 -6.69
CA PRO A 105 -13.63 10.88 -6.75
C PRO A 105 -12.66 10.07 -7.60
N VAL A 106 -12.26 8.91 -7.09
CA VAL A 106 -11.40 8.00 -7.84
C VAL A 106 -12.27 7.15 -8.74
N LEU A 107 -12.03 7.23 -10.05
CA LEU A 107 -12.80 6.43 -10.98
C LEU A 107 -12.15 5.06 -11.15
N LYS A 108 -12.94 4.12 -11.65
CA LYS A 108 -12.46 2.76 -11.85
C LYS A 108 -12.18 2.55 -13.33
N PRO A 109 -10.92 2.35 -13.73
CA PRO A 109 -10.55 2.36 -15.15
C PRO A 109 -11.28 1.30 -15.96
N TYR A 110 -11.39 1.57 -17.27
CA TYR A 110 -12.09 0.67 -18.18
C TYR A 110 -11.43 -0.70 -18.24
N PHE A 111 -10.10 -0.75 -18.17
CA PHE A 111 -9.43 -2.04 -18.31
C PHE A 111 -9.61 -2.94 -17.08
N ILE A 112 -10.46 -2.51 -16.14
CA ILE A 112 -10.88 -3.34 -15.02
C ILE A 112 -12.08 -4.16 -15.45
N THR A 113 -13.19 -3.48 -15.80
CA THR A 113 -14.40 -4.19 -16.19
C THR A 113 -14.24 -4.83 -17.57
N ASN A 114 -13.58 -4.14 -18.50
CA ASN A 114 -13.37 -4.64 -19.85
C ASN A 114 -11.87 -4.60 -20.14
N PRO A 115 -11.11 -5.56 -19.61
CA PRO A 115 -9.66 -5.56 -19.85
C PRO A 115 -9.27 -5.68 -21.32
N GLU A 116 -10.24 -6.10 -22.14
CA GLU A 116 -9.96 -6.38 -23.57
C GLU A 116 -10.03 -5.10 -24.41
N GLU A 117 -10.65 -4.04 -23.88
CA GLU A 117 -10.77 -2.78 -24.62
C GLU A 117 -9.39 -2.13 -24.71
N ALA A 118 -8.33 -2.93 -24.86
CA ALA A 118 -6.95 -2.39 -24.88
C ALA A 118 -6.85 -1.23 -25.86
N GLY A 119 -7.85 -1.08 -26.74
CA GLY A 119 -7.86 0.07 -27.67
C GLY A 119 -6.61 0.14 -28.52
N VAL A 120 -5.97 1.31 -28.57
CA VAL A 120 -4.79 1.50 -29.47
C VAL A 120 -5.26 1.21 -30.89
N ARG A 121 -4.33 0.90 -31.80
CA ARG A 121 -4.69 0.56 -33.21
C ARG A 121 -5.49 1.72 -33.81
N GLU A 122 -6.74 1.90 -33.38
CA GLU A 122 -7.53 3.07 -33.84
C GLU A 122 -6.54 4.23 -33.98
N ALA A 123 -6.51 4.88 -35.14
CA ALA A 123 -5.51 5.91 -35.37
C ALA A 123 -5.43 6.94 -34.27
N GLY A 124 -6.47 7.08 -33.45
CA GLY A 124 -6.49 8.09 -32.41
C GLY A 124 -5.58 7.75 -31.24
N LEU A 125 -5.91 8.28 -30.06
CA LEU A 125 -4.99 8.26 -28.93
C LEU A 125 -5.81 8.26 -27.64
N ARG A 126 -5.54 7.28 -26.78
CA ARG A 126 -6.23 7.17 -25.50
C ARG A 126 -5.25 7.45 -24.35
N VAL A 127 -5.76 8.09 -23.30
CA VAL A 127 -4.96 8.44 -22.14
C VAL A 127 -5.76 8.09 -20.88
N THR A 128 -5.05 7.65 -19.84
CA THR A 128 -5.66 7.37 -18.55
C THR A 128 -4.78 7.97 -17.46
N TRP A 129 -5.40 8.74 -16.57
CA TRP A 129 -4.71 9.35 -15.45
C TRP A 129 -4.85 8.46 -14.23
N LEU A 130 -3.71 8.01 -13.69
CA LEU A 130 -3.68 7.14 -12.52
C LEU A 130 -3.09 7.87 -11.31
N GLY A 131 -3.39 9.15 -11.19
CA GLY A 131 -2.89 9.96 -10.09
C GLY A 131 -1.52 10.54 -10.38
N HIS A 132 -1.23 11.66 -9.71
CA HIS A 132 0.03 12.39 -9.84
C HIS A 132 0.50 12.49 -11.29
N ALA A 133 1.70 12.00 -11.56
CA ALA A 133 2.26 11.98 -12.91
C ALA A 133 2.16 10.61 -13.56
N THR A 134 1.51 9.64 -12.90
CA THR A 134 1.36 8.30 -13.44
C THR A 134 0.28 8.33 -14.52
N VAL A 135 0.69 8.15 -15.78
CA VAL A 135 -0.25 8.23 -16.89
C VAL A 135 -0.01 7.08 -17.86
N MET A 136 -1.08 6.44 -18.31
CA MET A 136 -1.02 5.36 -19.29
C MET A 136 -1.51 5.88 -20.63
N VAL A 137 -0.66 5.81 -21.66
CA VAL A 137 -0.99 6.35 -22.97
C VAL A 137 -0.96 5.20 -23.97
N GLU A 138 -2.01 5.09 -24.78
CA GLU A 138 -2.16 4.01 -25.75
C GLU A 138 -2.47 4.59 -27.14
N MET A 139 -1.56 4.35 -28.08
CA MET A 139 -1.68 4.81 -29.46
C MET A 139 -0.57 4.16 -30.28
N ASP A 140 -0.81 4.07 -31.59
CA ASP A 140 0.22 3.66 -32.57
C ASP A 140 0.91 2.36 -32.17
N GLU A 141 0.10 1.34 -31.88
CA GLU A 141 0.52 -0.02 -31.53
C GLU A 141 1.21 -0.07 -30.18
N LEU A 142 1.12 0.98 -29.37
CA LEU A 142 1.84 1.05 -28.11
C LEU A 142 0.89 1.31 -26.95
N ILE A 143 1.16 0.66 -25.83
CA ILE A 143 0.59 1.00 -24.53
C ILE A 143 1.79 1.23 -23.63
N PHE A 144 1.98 2.47 -23.18
CA PHE A 144 3.13 2.77 -22.33
C PHE A 144 2.72 3.58 -21.12
N LEU A 145 3.29 3.22 -19.98
CA LEU A 145 3.11 3.91 -18.72
C LEU A 145 4.14 5.01 -18.56
N THR A 146 3.85 5.98 -17.69
CA THR A 146 4.76 7.08 -17.47
C THR A 146 4.72 7.50 -16.01
N ASP A 147 5.90 7.57 -15.40
CA ASP A 147 6.09 7.92 -14.00
C ASP A 147 5.13 7.16 -13.09
N PRO A 148 5.24 5.83 -13.03
CA PRO A 148 4.26 5.02 -12.28
C PRO A 148 4.57 5.01 -10.79
N ILE A 149 3.61 5.47 -9.98
CA ILE A 149 3.67 5.33 -8.54
C ILE A 149 2.36 4.72 -8.07
N PHE A 150 2.45 3.55 -7.44
CA PHE A 150 1.28 2.86 -6.94
C PHE A 150 1.30 2.66 -5.43
N SER A 151 2.46 2.85 -4.79
CA SER A 151 2.53 2.82 -3.33
C SER A 151 1.80 4.01 -2.73
N SER A 152 1.37 3.84 -1.48
CA SER A 152 0.70 4.92 -0.76
C SER A 152 1.66 6.08 -0.49
N ARG A 153 2.88 5.78 -0.05
CA ARG A 153 3.83 6.79 0.39
C ARG A 153 4.93 6.95 -0.66
N ALA A 154 5.26 8.20 -0.98
CA ALA A 154 6.36 8.52 -1.87
C ALA A 154 7.55 8.94 -1.00
N SER A 155 8.32 7.95 -0.55
CA SER A 155 9.36 8.18 0.44
C SER A 155 10.26 6.95 0.55
N PRO A 156 11.53 7.11 0.92
CA PRO A 156 12.37 5.93 1.15
C PRO A 156 12.06 5.22 2.45
N SER A 157 11.42 5.89 3.40
CA SER A 157 11.02 5.31 4.67
C SER A 157 9.56 4.89 4.63
N GLN A 158 9.18 4.07 5.61
CA GLN A 158 7.78 3.70 5.82
C GLN A 158 7.12 4.57 6.88
N TYR A 159 7.87 5.45 7.53
CA TYR A 159 7.40 6.17 8.71
C TYR A 159 7.26 7.66 8.50
N MET A 160 7.92 8.23 7.49
CA MET A 160 7.81 9.65 7.19
C MET A 160 7.80 9.83 5.68
N GLY A 161 7.15 10.91 5.23
CA GLY A 161 7.02 11.18 3.83
C GLY A 161 5.59 11.46 3.42
N PRO A 162 5.40 11.97 2.21
CA PRO A 162 4.04 12.32 1.76
C PRO A 162 3.25 11.06 1.42
N LYS A 163 2.16 10.84 2.14
CA LYS A 163 1.25 9.73 1.90
C LYS A 163 0.08 10.24 1.08
N ARG A 164 -0.16 9.62 -0.08
CA ARG A 164 -1.22 10.08 -0.97
C ARG A 164 -2.58 10.03 -0.27
N PHE A 165 -3.38 11.07 -0.50
CA PHE A 165 -4.74 11.12 0.01
C PHE A 165 -5.77 10.58 -0.99
N ARG A 166 -5.34 10.24 -2.19
CA ARG A 166 -6.18 9.63 -3.21
C ARG A 166 -5.51 8.32 -3.64
N ARG A 167 -6.14 7.19 -3.33
CA ARG A 167 -5.44 5.94 -3.57
C ARG A 167 -5.45 5.61 -5.06
N SER A 168 -4.57 4.70 -5.46
CA SER A 168 -4.35 4.45 -6.87
C SER A 168 -5.60 3.91 -7.54
N PRO A 169 -5.96 4.38 -8.74
CA PRO A 169 -7.19 3.91 -9.38
C PRO A 169 -7.19 2.42 -9.64
N CYS A 170 -6.02 1.82 -9.88
CA CYS A 170 -5.91 0.39 -10.10
C CYS A 170 -4.56 -0.07 -9.54
N THR A 171 -4.30 -1.37 -9.64
CA THR A 171 -3.04 -1.95 -9.22
C THR A 171 -2.29 -2.51 -10.42
N ILE A 172 -1.06 -2.94 -10.17
CA ILE A 172 -0.18 -3.39 -11.25
C ILE A 172 -0.77 -4.61 -11.97
N SER A 173 -1.28 -5.57 -11.21
CA SER A 173 -1.83 -6.78 -11.81
C SER A 173 -2.99 -6.47 -12.76
N GLU A 174 -3.71 -5.38 -12.52
CA GLU A 174 -4.92 -5.07 -13.26
C GLU A 174 -4.68 -4.32 -14.56
N LEU A 175 -3.43 -3.86 -14.84
CA LEU A 175 -3.35 -3.09 -16.06
C LEU A 175 -3.00 -3.98 -17.26
N PRO A 176 -3.39 -3.58 -18.47
CA PRO A 176 -3.10 -4.40 -19.65
C PRO A 176 -1.61 -4.47 -19.91
N PRO A 177 -1.15 -5.26 -20.89
CA PRO A 177 0.30 -5.33 -21.15
C PRO A 177 0.93 -3.97 -21.45
N ILE A 178 1.81 -3.51 -20.56
CA ILE A 178 2.57 -2.27 -20.77
C ILE A 178 3.80 -2.60 -21.60
N ASP A 179 4.05 -1.79 -22.63
N ASP A 179 4.05 -1.79 -22.64
CA ASP A 179 5.23 -1.98 -23.47
CA ASP A 179 5.23 -1.98 -23.47
C ASP A 179 6.40 -1.10 -23.07
C ASP A 179 6.40 -1.10 -23.07
N ALA A 180 6.15 0.05 -22.44
CA ALA A 180 7.21 0.95 -22.05
C ALA A 180 6.78 1.77 -20.85
N VAL A 181 7.76 2.16 -20.04
CA VAL A 181 7.56 3.13 -18.97
C VAL A 181 8.59 4.24 -19.15
N LEU A 182 8.16 5.47 -18.90
CA LEU A 182 9.02 6.64 -19.03
C LEU A 182 9.26 7.26 -17.67
N ILE A 183 10.52 7.55 -17.37
CA ILE A 183 10.93 8.14 -16.10
C ILE A 183 11.42 9.55 -16.38
N SER A 184 10.70 10.55 -15.89
CA SER A 184 11.12 11.93 -16.07
C SER A 184 12.38 12.24 -15.27
N HIS A 185 12.30 12.09 -13.94
CA HIS A 185 13.45 12.25 -13.06
C HIS A 185 13.32 11.22 -11.95
N ASN A 186 14.22 11.32 -10.95
CA ASN A 186 14.39 10.26 -9.97
C ASN A 186 13.71 10.54 -8.64
N HIS A 187 12.87 11.56 -8.55
CA HIS A 187 12.25 11.89 -7.28
C HIS A 187 11.30 10.79 -6.84
N TYR A 188 11.04 10.75 -5.52
CA TYR A 188 10.31 9.62 -4.93
C TYR A 188 8.85 9.60 -5.33
N ASP A 189 8.30 10.69 -5.86
CA ASP A 189 6.92 10.72 -6.34
C ASP A 189 6.84 10.44 -7.84
N HIS A 190 7.95 10.13 -8.49
CA HIS A 190 7.95 9.77 -9.91
C HIS A 190 8.64 8.44 -10.12
N LEU A 191 9.63 8.13 -9.29
CA LEU A 191 10.34 6.86 -9.31
C LEU A 191 10.05 6.15 -8.00
N ASP A 192 9.25 5.08 -8.08
CA ASP A 192 8.81 4.34 -6.90
C ASP A 192 9.41 2.94 -6.96
N TYR A 193 10.30 2.65 -6.00
CA TYR A 193 11.01 1.38 -5.97
C TYR A 193 10.06 0.19 -6.06
N ASN A 194 9.03 0.18 -5.21
CA ASN A 194 8.11 -0.96 -5.16
C ASN A 194 7.37 -1.13 -6.48
N SER A 195 6.98 -0.03 -7.12
CA SER A 195 6.32 -0.11 -8.42
C SER A 195 7.25 -0.69 -9.48
N VAL A 196 8.52 -0.25 -9.48
CA VAL A 196 9.51 -0.78 -10.42
C VAL A 196 9.66 -2.28 -10.23
N ILE A 197 9.77 -2.72 -8.97
CA ILE A 197 9.83 -4.14 -8.67
C ILE A 197 8.61 -4.86 -9.23
N ALA A 198 7.42 -4.31 -8.97
CA ALA A 198 6.19 -4.97 -9.38
C ALA A 198 6.14 -5.15 -10.89
N LEU A 199 6.43 -4.10 -11.66
CA LEU A 199 6.35 -4.23 -13.11
C LEU A 199 7.46 -5.12 -13.65
N ASN A 200 8.70 -4.98 -13.20
CA ASN A 200 9.73 -5.89 -13.69
C ASN A 200 9.53 -7.31 -13.19
N GLU A 201 8.62 -7.52 -12.24
CA GLU A 201 8.29 -8.85 -11.71
C GLU A 201 7.17 -9.50 -12.52
N ARG A 202 6.06 -8.78 -12.73
CA ARG A 202 5.03 -9.24 -13.66
C ARG A 202 5.59 -9.19 -15.07
N PHE A 203 6.03 -8.02 -15.50
CA PHE A 203 6.77 -7.92 -16.74
C PHE A 203 8.25 -8.25 -16.42
N GLY A 204 9.13 -8.11 -17.44
CA GLY A 204 10.57 -8.31 -17.45
C GLY A 204 11.12 -7.56 -18.65
N ASN A 205 11.77 -8.26 -19.57
CA ASN A 205 12.24 -7.60 -20.81
C ASN A 205 11.02 -7.00 -21.52
N GLU A 206 9.82 -7.49 -21.17
CA GLU A 206 8.56 -7.00 -21.79
C GLU A 206 8.29 -5.58 -21.31
N LEU A 207 9.33 -4.84 -20.92
CA LEU A 207 9.16 -3.50 -20.45
C LEU A 207 10.30 -2.64 -20.93
N ARG A 208 9.98 -1.65 -21.72
CA ARG A 208 10.98 -0.73 -22.21
C ARG A 208 11.10 0.36 -21.16
N TRP A 209 12.21 0.33 -20.42
CA TRP A 209 12.49 1.38 -19.45
C TRP A 209 13.34 2.44 -20.14
N PHE A 210 12.83 3.67 -20.19
CA PHE A 210 13.56 4.83 -20.72
C PHE A 210 13.90 5.73 -19.55
N VAL A 211 15.19 5.90 -19.27
CA VAL A 211 15.64 6.62 -18.09
C VAL A 211 16.64 7.69 -18.53
N PRO A 212 16.83 8.72 -17.71
CA PRO A 212 17.87 9.72 -18.00
C PRO A 212 19.26 9.14 -17.77
N LEU A 213 20.26 9.92 -18.16
CA LEU A 213 21.65 9.54 -17.90
C LEU A 213 21.89 9.42 -16.40
N GLY A 214 22.50 8.31 -15.99
CA GLY A 214 22.81 8.07 -14.60
C GLY A 214 21.91 7.08 -13.89
N LEU A 215 20.83 6.63 -14.53
CA LEU A 215 19.86 5.75 -13.89
C LEU A 215 19.97 4.30 -14.33
N LEU A 216 20.87 3.99 -15.26
CA LEU A 216 21.03 2.59 -15.70
C LEU A 216 21.45 1.70 -14.55
N ASP A 217 22.43 2.14 -13.76
CA ASP A 217 22.88 1.40 -12.59
C ASP A 217 21.71 1.07 -11.66
N TRP A 218 20.91 2.08 -11.30
CA TRP A 218 19.79 1.88 -10.40
C TRP A 218 18.82 0.84 -10.93
N MET A 219 18.45 0.96 -12.21
CA MET A 219 17.48 0.03 -12.79
C MET A 219 18.02 -1.38 -12.86
N GLN A 220 19.28 -1.54 -13.28
CA GLN A 220 19.86 -2.88 -13.33
C GLN A 220 19.97 -3.50 -11.94
N LYS A 221 20.36 -2.69 -10.95
CA LYS A 221 20.38 -3.17 -9.57
C LYS A 221 18.98 -3.54 -9.10
N CYS A 222 17.96 -2.88 -9.65
CA CYS A 222 16.59 -3.30 -9.39
C CYS A 222 16.27 -4.61 -10.09
N GLY A 223 16.88 -4.87 -11.24
CA GLY A 223 16.73 -6.14 -11.92
C GLY A 223 16.18 -6.05 -13.32
N CYS A 224 16.28 -4.89 -13.96
CA CYS A 224 15.75 -4.67 -15.30
C CYS A 224 16.87 -4.78 -16.33
N GLU A 225 16.61 -5.55 -17.40
CA GLU A 225 17.54 -5.68 -18.51
C GLU A 225 17.21 -4.77 -19.67
N ASN A 226 15.92 -4.40 -19.82
CA ASN A 226 15.47 -3.60 -20.96
C ASN A 226 15.41 -2.14 -20.54
N VAL A 227 16.61 -1.56 -20.39
CA VAL A 227 16.78 -0.22 -19.86
C VAL A 227 17.66 0.60 -20.79
N ILE A 228 17.28 1.85 -21.03
CA ILE A 228 18.00 2.74 -21.93
C ILE A 228 18.28 4.05 -21.21
N GLU A 229 19.56 4.32 -21.00
CA GLU A 229 20.02 5.58 -20.46
C GLU A 229 20.10 6.59 -21.59
N LEU A 230 19.51 7.77 -21.39
CA LEU A 230 19.52 8.78 -22.43
C LEU A 230 20.00 10.11 -21.88
N ASP A 231 20.70 10.85 -22.71
CA ASP A 231 20.93 12.26 -22.49
C ASP A 231 19.86 12.98 -23.29
N TRP A 232 19.31 14.07 -22.75
CA TRP A 232 18.18 14.69 -23.42
C TRP A 232 18.61 15.21 -24.80
N TRP A 233 17.67 15.16 -25.74
CA TRP A 233 17.82 15.33 -27.19
C TRP A 233 18.38 14.08 -27.86
N GLU A 234 18.33 12.92 -27.20
CA GLU A 234 18.66 11.63 -27.78
C GLU A 234 17.39 10.81 -27.98
N GLU A 235 17.42 9.87 -28.94
CA GLU A 235 16.23 9.12 -29.31
C GLU A 235 16.52 7.62 -29.26
N ASN A 236 15.44 6.84 -29.20
CA ASN A 236 15.46 5.37 -29.24
C ASN A 236 14.04 4.89 -29.53
N CYS A 237 13.83 3.58 -29.44
CA CYS A 237 12.56 2.98 -29.85
C CYS A 237 12.31 1.70 -29.06
N VAL A 238 11.11 1.16 -29.24
CA VAL A 238 10.77 -0.15 -28.59
C VAL A 238 11.12 -1.25 -29.59
N PRO A 239 11.82 -2.33 -29.17
CA PRO A 239 12.26 -3.38 -30.09
C PRO A 239 11.19 -3.76 -31.13
N GLY A 240 10.15 -4.49 -30.72
CA GLY A 240 9.10 -4.97 -31.65
C GLY A 240 8.90 -4.05 -32.84
N HIS A 241 8.22 -2.92 -32.64
CA HIS A 241 7.92 -2.00 -33.74
C HIS A 241 8.51 -0.63 -33.43
N ASP A 242 9.65 -0.39 -34.07
CA ASP A 242 10.56 0.74 -34.05
C ASP A 242 9.99 1.95 -34.78
N LYS A 243 8.80 1.83 -35.37
CA LYS A 243 8.20 2.93 -36.11
C LYS A 243 7.90 4.11 -35.19
N VAL A 244 7.68 3.86 -33.90
CA VAL A 244 7.48 4.91 -32.92
C VAL A 244 8.84 5.26 -32.32
N THR A 245 9.06 6.56 -32.08
CA THR A 245 10.33 7.03 -31.54
C THR A 245 10.12 7.67 -30.18
N PHE A 246 10.98 7.32 -29.22
CA PHE A 246 10.99 7.93 -27.90
C PHE A 246 12.22 8.82 -27.79
N VAL A 247 11.99 10.12 -27.54
CA VAL A 247 13.06 11.11 -27.47
C VAL A 247 13.04 11.76 -26.09
N PHE A 248 14.19 11.82 -25.46
CA PHE A 248 14.36 12.55 -24.21
C PHE A 248 14.68 14.01 -24.55
N THR A 249 13.90 14.93 -23.99
CA THR A 249 13.94 16.35 -24.32
C THR A 249 14.11 17.16 -23.04
N PRO A 250 14.57 18.41 -23.15
CA PRO A 250 14.93 19.18 -21.94
C PRO A 250 13.75 19.47 -21.02
N SER A 251 14.11 20.00 -19.85
CA SER A 251 13.20 20.37 -18.77
C SER A 251 14.03 21.05 -17.68
N GLN A 252 13.34 21.83 -16.84
CA GLN A 252 13.97 22.62 -15.78
C GLN A 252 13.59 22.06 -14.41
N HIS A 253 14.37 21.10 -13.92
CA HIS A 253 14.11 20.48 -12.63
C HIS A 253 15.44 20.05 -12.00
N TRP A 254 15.37 19.15 -11.02
CA TRP A 254 16.55 18.66 -10.33
C TRP A 254 16.32 17.20 -9.96
N CYS A 255 17.40 16.54 -9.53
CA CYS A 255 17.34 15.14 -9.14
C CYS A 255 17.96 14.94 -7.76
N LYS A 256 17.31 14.11 -6.94
CA LYS A 256 17.82 13.76 -5.62
C LYS A 256 17.03 12.61 -5.01
N ARG A 257 17.72 11.63 -4.46
CA ARG A 257 17.08 10.56 -3.69
C ARG A 257 17.71 10.38 -2.32
N THR A 258 19.03 10.53 -2.21
CA THR A 258 19.76 10.30 -0.96
C THR A 258 20.66 11.48 -0.62
N LEU A 259 21.54 11.29 0.36
CA LEU A 259 22.54 12.29 0.67
C LEU A 259 23.65 12.25 -0.37
N MET A 260 24.01 13.42 -0.90
CA MET A 260 25.18 13.65 -1.76
C MET A 260 25.05 13.04 -3.15
N ASP A 261 23.88 12.54 -3.52
CA ASP A 261 23.63 12.12 -4.90
C ASP A 261 22.99 13.23 -5.73
N ASP A 262 23.02 14.47 -5.25
CA ASP A 262 22.43 15.60 -5.94
C ASP A 262 22.86 15.67 -7.40
N ASN A 263 21.89 15.56 -8.29
CA ASN A 263 22.07 15.80 -9.73
C ASN A 263 23.05 14.80 -10.37
N LYS A 264 23.30 13.67 -9.71
CA LYS A 264 24.10 12.63 -10.36
C LYS A 264 23.38 12.05 -11.58
N VAL A 265 22.06 12.14 -11.61
CA VAL A 265 21.25 11.66 -12.72
C VAL A 265 20.49 12.84 -13.32
N LEU A 266 20.20 12.76 -14.61
CA LEU A 266 19.52 13.81 -15.36
C LEU A 266 18.02 13.78 -15.12
N TRP A 267 17.39 14.92 -15.43
CA TRP A 267 15.94 15.06 -15.50
C TRP A 267 15.55 15.35 -16.95
N GLY A 268 14.26 15.58 -17.17
CA GLY A 268 13.85 15.97 -18.51
C GLY A 268 12.37 15.68 -18.75
N SER A 269 12.04 15.51 -20.03
CA SER A 269 10.69 15.30 -20.52
C SER A 269 10.75 14.33 -21.68
N TRP A 270 9.60 13.83 -22.09
CA TRP A 270 9.54 12.81 -23.13
C TRP A 270 8.70 13.29 -24.31
N SER A 271 9.19 13.03 -25.51
CA SER A 271 8.42 13.26 -26.74
C SER A 271 8.36 11.94 -27.50
N VAL A 272 7.16 11.46 -27.77
CA VAL A 272 6.95 10.21 -28.46
C VAL A 272 6.33 10.51 -29.82
N LEU A 273 7.08 10.18 -30.88
CA LEU A 273 6.71 10.48 -32.25
C LEU A 273 6.29 9.17 -32.92
N GLY A 274 4.98 8.93 -32.98
CA GLY A 274 4.44 7.84 -33.74
C GLY A 274 4.13 8.25 -35.16
N PRO A 275 3.87 7.26 -36.02
CA PRO A 275 3.41 7.60 -37.38
C PRO A 275 2.10 8.37 -37.40
N TRP A 276 1.19 8.05 -36.49
CA TRP A 276 -0.17 8.59 -36.51
C TRP A 276 -0.37 9.74 -35.53
N ASN A 277 0.26 9.66 -34.36
CA ASN A 277 0.09 10.67 -33.32
C ASN A 277 1.43 11.03 -32.72
N ARG A 278 1.57 12.29 -32.32
CA ARG A 278 2.74 12.79 -31.63
C ARG A 278 2.31 13.28 -30.25
N PHE A 279 2.99 12.81 -29.21
CA PHE A 279 2.57 13.06 -27.83
C PHE A 279 3.74 13.59 -27.02
N PHE A 280 3.46 14.54 -26.12
CA PHE A 280 4.46 15.11 -25.24
C PHE A 280 4.10 14.86 -23.78
N PHE A 281 5.12 14.66 -22.96
CA PHE A 281 4.96 14.50 -21.52
C PHE A 281 6.03 15.33 -20.83
N ALA A 282 5.61 16.39 -20.13
CA ALA A 282 6.57 17.32 -19.54
C ALA A 282 7.29 16.72 -18.34
N GLY A 283 6.56 16.05 -17.46
CA GLY A 283 7.13 15.55 -16.21
C GLY A 283 7.08 16.60 -15.12
N ASP A 284 8.25 17.00 -14.62
CA ASP A 284 8.37 18.06 -13.63
C ASP A 284 9.32 19.13 -14.16
N THR A 285 8.91 20.39 -14.06
CA THR A 285 9.71 21.50 -14.58
C THR A 285 9.12 22.82 -14.10
N GLY A 286 10.00 23.79 -13.88
CA GLY A 286 9.60 25.19 -13.90
C GLY A 286 9.64 25.73 -15.31
N TYR A 287 9.13 26.94 -15.49
CA TYR A 287 9.13 27.52 -16.83
C TYR A 287 10.54 27.88 -17.23
N CYS A 288 10.86 27.58 -18.48
CA CYS A 288 12.19 27.76 -19.03
C CYS A 288 12.09 27.64 -20.54
N PRO A 289 13.13 28.01 -21.29
CA PRO A 289 13.08 27.80 -22.75
C PRO A 289 13.19 26.32 -23.07
N ALA A 290 13.40 26.00 -24.34
CA ALA A 290 13.46 24.67 -24.92
C ALA A 290 12.07 24.07 -25.06
N PHE A 291 11.03 24.64 -24.44
CA PHE A 291 9.69 24.20 -24.75
C PHE A 291 9.28 24.74 -26.11
N GLU A 292 9.73 25.96 -26.43
CA GLU A 292 9.68 26.45 -27.80
C GLU A 292 10.58 25.60 -28.71
N GLU A 293 11.77 25.24 -28.23
CA GLU A 293 12.65 24.36 -29.02
C GLU A 293 11.99 23.01 -29.29
N ILE A 294 11.36 22.43 -28.27
CA ILE A 294 10.65 21.16 -28.45
C ILE A 294 9.53 21.34 -29.46
N GLY A 295 8.77 22.43 -29.34
CA GLY A 295 7.78 22.76 -30.35
C GLY A 295 8.38 22.95 -31.73
N LYS A 296 9.66 23.26 -31.82
CA LYS A 296 10.31 23.50 -33.11
C LYS A 296 10.76 22.21 -33.79
N ARG A 297 11.68 21.46 -33.17
CA ARG A 297 12.15 20.20 -33.75
C ARG A 297 11.01 19.33 -34.24
N PHE A 298 10.17 18.90 -33.32
CA PHE A 298 8.95 18.16 -33.57
C PHE A 298 7.76 19.10 -33.44
N GLY A 299 6.57 18.54 -33.41
CA GLY A 299 5.36 19.32 -33.26
C GLY A 299 4.79 19.74 -34.60
N PRO A 300 3.49 20.04 -34.62
CA PRO A 300 2.57 20.15 -33.48
C PRO A 300 2.27 18.81 -32.79
N PHE A 301 2.11 18.82 -31.47
CA PHE A 301 1.83 17.62 -30.70
C PHE A 301 0.32 17.41 -30.59
N ASP A 302 -0.06 16.18 -30.26
CA ASP A 302 -1.46 15.85 -30.07
C ASP A 302 -1.90 15.99 -28.62
N LEU A 303 -1.09 15.46 -27.69
CA LEU A 303 -1.36 15.57 -26.26
C LEU A 303 -0.09 15.99 -25.53
N ALA A 304 -0.27 16.78 -24.48
CA ALA A 304 0.81 17.12 -23.56
C ALA A 304 0.33 16.93 -22.13
N ALA A 305 1.14 16.26 -21.31
CA ALA A 305 0.89 16.13 -19.88
C ALA A 305 1.79 17.13 -19.16
N ILE A 306 1.19 18.18 -18.60
CA ILE A 306 1.91 19.28 -17.98
C ILE A 306 1.57 19.31 -16.50
N PRO A 307 2.54 19.43 -15.61
CA PRO A 307 2.23 19.58 -14.18
C PRO A 307 1.56 20.91 -13.90
N ILE A 308 0.57 20.88 -12.99
CA ILE A 308 -0.16 22.10 -12.63
C ILE A 308 -0.20 22.24 -11.11
N GLY A 309 0.57 21.42 -10.40
CA GLY A 309 0.52 21.39 -8.95
C GLY A 309 1.89 21.61 -8.33
N ALA A 310 1.87 21.84 -7.01
CA ALA A 310 3.08 22.01 -6.20
C ALA A 310 3.86 23.26 -6.61
N TYR A 311 3.17 24.41 -6.62
CA TYR A 311 3.78 25.66 -7.05
C TYR A 311 3.87 26.71 -5.96
N GLU A 312 3.05 26.62 -4.89
CA GLU A 312 3.10 27.56 -3.77
C GLU A 312 4.08 27.07 -2.71
N PRO A 313 4.80 27.95 -2.00
CA PRO A 313 4.88 29.40 -2.16
C PRO A 313 5.73 29.73 -3.39
N ARG A 314 5.47 30.85 -4.05
CA ARG A 314 6.07 31.10 -5.35
C ARG A 314 7.56 31.41 -5.25
N TRP A 315 7.96 32.23 -4.28
CA TRP A 315 9.35 32.68 -4.21
CA TRP A 315 9.35 32.68 -4.21
C TRP A 315 10.32 31.51 -4.14
N PHE A 316 9.89 30.39 -3.55
CA PHE A 316 10.71 29.18 -3.47
C PHE A 316 10.56 28.33 -4.74
N MET A 317 9.33 28.13 -5.21
CA MET A 317 9.03 27.09 -6.20
C MET A 317 9.25 27.52 -7.65
N LYS A 318 9.05 28.81 -8.00
CA LYS A 318 8.91 29.21 -9.39
C LYS A 318 10.00 28.64 -10.27
N TYR A 319 11.20 28.42 -9.71
CA TYR A 319 12.34 28.04 -10.52
C TYR A 319 12.41 26.56 -10.85
N GLN A 320 11.59 25.71 -10.23
CA GLN A 320 11.60 24.30 -10.59
C GLN A 320 10.21 23.71 -10.72
N HIS A 321 9.15 24.50 -10.54
CA HIS A 321 7.79 24.01 -10.57
C HIS A 321 6.89 25.11 -11.11
N VAL A 322 6.37 24.90 -12.32
CA VAL A 322 5.42 25.83 -12.90
C VAL A 322 4.15 25.93 -12.04
N ASP A 323 3.47 27.05 -12.17
CA ASP A 323 2.10 27.20 -11.73
C ASP A 323 1.17 27.07 -12.94
N PRO A 324 -0.14 26.97 -12.73
CA PRO A 324 -1.04 26.73 -13.88
C PRO A 324 -0.90 27.74 -15.02
N GLU A 325 -0.64 29.01 -14.71
CA GLU A 325 -0.38 29.99 -15.75
C GLU A 325 0.83 29.59 -16.61
N GLU A 326 1.93 29.25 -15.94
CA GLU A 326 3.11 28.78 -16.67
C GLU A 326 2.84 27.45 -17.38
N ALA A 327 1.90 26.67 -16.86
CA ALA A 327 1.50 25.44 -17.55
C ALA A 327 0.83 25.76 -18.87
N VAL A 328 -0.08 26.74 -18.88
CA VAL A 328 -0.68 27.18 -20.13
C VAL A 328 0.38 27.76 -21.06
N ARG A 329 1.38 28.46 -20.49
CA ARG A 329 2.50 28.95 -21.30
C ARG A 329 3.23 27.80 -21.99
N ILE A 330 3.45 26.70 -21.26
CA ILE A 330 4.06 25.51 -21.86
C ILE A 330 3.16 24.96 -22.96
N HIS A 331 1.85 24.87 -22.68
CA HIS A 331 0.89 24.42 -23.68
C HIS A 331 1.04 25.21 -24.98
N THR A 332 1.19 26.53 -24.87
CA THR A 332 1.38 27.35 -26.05
C THR A 332 2.73 27.07 -26.72
N ASP A 333 3.80 27.01 -25.93
CA ASP A 333 5.14 26.83 -26.49
C ASP A 333 5.24 25.53 -27.26
N VAL A 334 4.74 24.44 -26.69
CA VAL A 334 4.99 23.11 -27.23
C VAL A 334 4.12 22.80 -28.44
N GLN A 335 3.13 23.64 -28.75
CA GLN A 335 2.28 23.48 -29.95
C GLN A 335 1.41 22.23 -29.89
N THR A 336 0.78 21.98 -28.74
CA THR A 336 -0.11 20.84 -28.62
C THR A 336 -1.55 21.28 -28.86
N LYS A 337 -2.35 20.36 -29.41
CA LYS A 337 -3.77 20.65 -29.57
C LYS A 337 -4.50 20.59 -28.24
N LYS A 338 -4.10 19.67 -27.36
CA LYS A 338 -4.76 19.44 -26.08
C LYS A 338 -3.71 19.15 -25.01
N SER A 339 -4.13 19.26 -23.75
CA SER A 339 -3.25 19.10 -22.60
C SER A 339 -4.00 18.38 -21.48
N MET A 340 -3.26 17.63 -20.65
CA MET A 340 -3.87 16.73 -19.69
C MET A 340 -3.76 17.14 -18.23
N ALA A 341 -2.85 18.05 -17.86
CA ALA A 341 -2.75 18.51 -16.48
C ALA A 341 -2.45 17.43 -15.44
N ILE A 342 -1.16 17.12 -15.27
CA ILE A 342 -0.68 16.09 -14.34
C ILE A 342 -0.02 16.75 -13.13
N HIS A 343 0.52 15.94 -12.22
CA HIS A 343 0.82 16.32 -10.84
C HIS A 343 -0.50 16.69 -10.18
N TRP A 344 -0.45 17.37 -9.02
CA TRP A 344 -1.64 17.86 -8.32
C TRP A 344 -2.59 16.73 -7.90
N GLY A 345 -3.44 16.99 -6.92
CA GLY A 345 -4.53 16.09 -6.61
C GLY A 345 -4.19 14.77 -5.94
N THR A 346 -2.92 14.37 -5.94
CA THR A 346 -2.54 13.08 -5.39
C THR A 346 -1.69 13.21 -4.14
N PHE A 347 -0.56 13.92 -4.21
CA PHE A 347 0.29 14.18 -3.06
C PHE A 347 0.32 15.67 -2.77
N ALA A 348 0.39 16.01 -1.48
CA ALA A 348 0.62 17.39 -1.05
C ALA A 348 2.12 17.61 -0.91
N LEU A 349 2.74 18.15 -1.95
CA LEU A 349 4.17 18.44 -1.94
C LEU A 349 4.47 19.91 -1.78
N ALA A 350 3.46 20.73 -1.49
CA ALA A 350 3.66 22.16 -1.33
C ALA A 350 2.54 22.70 -0.45
N ASN A 351 2.42 24.03 -0.42
CA ASN A 351 1.50 24.70 0.50
C ASN A 351 0.15 25.03 -0.13
N GLU A 352 0.04 25.02 -1.45
CA GLU A 352 -1.19 25.44 -2.10
C GLU A 352 -2.36 24.54 -1.72
N HIS A 353 -3.55 25.11 -1.74
CA HIS A 353 -4.76 24.32 -1.54
C HIS A 353 -4.83 23.19 -2.56
N TYR A 354 -5.23 22.00 -2.09
CA TYR A 354 -5.22 20.83 -2.95
C TYR A 354 -6.21 20.95 -4.11
N LEU A 355 -7.20 21.83 -3.99
CA LEU A 355 -8.17 22.11 -5.04
C LEU A 355 -7.84 23.32 -5.90
N GLU A 356 -6.87 24.14 -5.49
CA GLU A 356 -6.58 25.37 -6.23
C GLU A 356 -6.11 25.16 -7.66
N PRO A 357 -5.22 24.21 -7.98
CA PRO A 357 -4.58 24.20 -9.32
C PRO A 357 -5.59 24.14 -10.46
N PRO A 358 -6.68 23.36 -10.38
CA PRO A 358 -7.67 23.44 -11.49
C PRO A 358 -8.28 24.81 -11.66
N VAL A 359 -8.62 25.49 -10.55
CA VAL A 359 -9.21 26.81 -10.64
C VAL A 359 -8.24 27.80 -11.26
N LYS A 360 -6.98 27.77 -10.81
CA LYS A 360 -5.99 28.68 -11.37
C LYS A 360 -5.71 28.37 -12.84
N LEU A 361 -5.75 27.08 -13.21
CA LEU A 361 -5.57 26.72 -14.62
C LEU A 361 -6.68 27.26 -15.48
N ASN A 362 -7.92 27.15 -15.02
CA ASN A 362 -9.04 27.70 -15.80
C ASN A 362 -8.97 29.22 -15.88
N GLU A 363 -8.56 29.87 -14.79
CA GLU A 363 -8.40 31.32 -14.83
C GLU A 363 -7.35 31.73 -15.86
N ALA A 364 -6.20 31.06 -15.86
CA ALA A 364 -5.16 31.36 -16.85
C ALA A 364 -5.60 30.99 -18.27
N LEU A 365 -6.46 29.96 -18.41
CA LEU A 365 -6.95 29.58 -19.73
C LEU A 365 -7.85 30.67 -20.29
N GLU A 366 -8.80 31.15 -19.49
CA GLU A 366 -9.59 32.31 -19.89
C GLU A 366 -8.68 33.49 -20.20
N ARG A 367 -7.67 33.69 -19.36
CA ARG A 367 -6.68 34.75 -19.51
C ARG A 367 -6.05 34.76 -20.90
N TYR A 368 -5.57 33.61 -21.34
CA TYR A 368 -4.74 33.51 -22.54
C TYR A 368 -5.57 33.29 -23.79
N GLY A 369 -6.88 33.50 -23.73
CA GLY A 369 -7.76 33.27 -24.85
C GLY A 369 -7.88 31.81 -25.22
N LEU A 370 -8.02 30.94 -24.22
CA LEU A 370 -8.17 29.51 -24.43
C LEU A 370 -9.38 29.02 -23.65
N ASN A 371 -9.90 27.88 -24.06
CA ASN A 371 -11.07 27.28 -23.44
C ASN A 371 -10.67 26.04 -22.64
N ALA A 372 -11.61 25.57 -21.82
CA ALA A 372 -11.36 24.37 -21.01
C ALA A 372 -11.08 23.15 -21.88
N GLU A 373 -11.70 23.10 -23.07
CA GLU A 373 -11.41 22.02 -24.02
C GLU A 373 -9.92 21.93 -24.33
N ASP A 374 -9.26 23.08 -24.50
CA ASP A 374 -7.86 23.09 -24.93
C ASP A 374 -6.95 22.46 -23.88
N PHE A 375 -7.21 22.74 -22.60
CA PHE A 375 -6.39 22.25 -21.50
C PHE A 375 -7.35 21.68 -20.46
N PHE A 376 -7.41 20.35 -20.37
CA PHE A 376 -8.43 19.69 -19.57
C PHE A 376 -7.79 18.95 -18.41
N VAL A 377 -8.56 18.83 -17.32
CA VAL A 377 -8.19 18.06 -16.15
C VAL A 377 -9.10 16.85 -16.06
N LEU A 378 -8.51 15.67 -15.93
CA LEU A 378 -9.30 14.46 -15.78
C LEU A 378 -9.53 14.15 -14.31
N LYS A 379 -10.48 13.27 -14.05
CA LYS A 379 -10.66 12.73 -12.71
C LYS A 379 -9.67 11.60 -12.48
N HIS A 380 -9.53 11.19 -11.22
CA HIS A 380 -8.64 10.09 -10.86
C HIS A 380 -9.17 8.80 -11.47
N GLY A 381 -8.42 8.23 -12.42
CA GLY A 381 -8.80 7.02 -13.09
C GLY A 381 -9.56 7.18 -14.38
N GLU A 382 -9.96 8.40 -14.73
CA GLU A 382 -10.69 8.62 -15.97
C GLU A 382 -9.78 8.45 -17.19
N SER A 383 -10.40 8.08 -18.31
CA SER A 383 -9.72 7.93 -19.59
C SER A 383 -10.27 8.96 -20.57
N ARG A 384 -9.58 9.09 -21.69
CA ARG A 384 -9.98 10.05 -22.72
C ARG A 384 -9.44 9.59 -24.06
N TYR A 385 -10.32 9.48 -25.06
CA TYR A 385 -9.87 9.05 -26.41
C TYR A 385 -9.68 10.29 -27.30
N LEU A 386 -8.49 10.86 -27.29
CA LEU A 386 -8.25 12.02 -28.17
C LEU A 386 -7.93 11.51 -29.57
N ASN A 387 -8.95 11.40 -30.42
CA ASN A 387 -8.73 10.99 -31.83
C ASN A 387 -8.73 12.26 -32.69
N ASN A 388 -8.03 12.23 -33.81
CA ASN A 388 -7.92 13.42 -34.68
C ASN A 388 -7.59 14.63 -33.79
N LYS B 56 -8.85 -16.60 42.12
CA LYS B 56 -7.51 -16.96 41.69
C LYS B 56 -7.02 -18.25 42.33
N SER B 57 -7.03 -19.36 41.59
CA SER B 57 -6.59 -20.65 42.14
C SER B 57 -5.44 -21.31 41.39
N LYS B 58 -5.55 -21.57 40.08
CA LYS B 58 -4.51 -22.35 39.38
C LYS B 58 -4.23 -21.87 37.95
N LYS B 59 -4.02 -20.57 37.73
CA LYS B 59 -3.66 -20.08 36.39
C LYS B 59 -2.17 -19.85 36.24
N GLY B 60 -1.62 -20.34 35.13
CA GLY B 60 -0.26 -20.00 34.74
C GLY B 60 -0.12 -18.50 34.52
N LYS B 61 0.70 -17.83 35.32
CA LYS B 61 0.95 -16.41 35.21
C LYS B 61 2.34 -16.19 34.63
N ASP B 62 2.81 -14.95 34.67
CA ASP B 62 4.08 -14.59 34.07
C ASP B 62 5.14 -14.61 35.17
N GLY B 63 6.32 -15.11 34.83
CA GLY B 63 6.64 -15.46 33.46
C GLY B 63 7.62 -14.41 32.99
N ARG B 64 8.36 -13.85 33.95
CA ARG B 64 9.32 -12.79 33.72
C ARG B 64 10.65 -13.23 34.32
N PHE B 65 11.63 -13.43 33.44
CA PHE B 65 13.01 -13.72 33.80
C PHE B 65 13.67 -12.41 34.20
N VAL B 66 15.01 -12.43 34.28
CA VAL B 66 15.79 -11.24 34.73
C VAL B 66 14.95 -9.97 34.61
N ASN B 67 14.91 -9.39 33.42
CA ASN B 67 14.10 -8.16 33.18
C ASN B 67 12.94 -8.52 32.24
N PRO B 68 13.16 -9.24 31.13
CA PRO B 68 12.09 -9.52 30.18
C PRO B 68 11.22 -10.73 30.58
N TRP B 69 10.31 -11.12 29.69
CA TRP B 69 9.39 -12.22 29.95
C TRP B 69 9.72 -13.42 29.07
N PRO B 70 10.01 -14.59 29.64
CA PRO B 70 9.98 -15.83 28.85
C PRO B 70 8.58 -16.42 28.85
N THR B 71 8.40 -17.58 28.23
CA THR B 71 7.16 -18.32 28.34
C THR B 71 7.26 -19.26 29.54
N TRP B 72 6.30 -19.15 30.47
CA TRP B 72 6.27 -20.08 31.60
C TRP B 72 6.08 -21.51 31.12
N LYS B 73 5.56 -21.68 29.90
CA LYS B 73 5.31 -23.01 29.38
C LYS B 73 6.61 -23.80 29.28
N ASN B 74 6.53 -25.09 29.58
CA ASN B 74 7.70 -25.95 29.50
C ASN B 74 8.19 -26.20 28.07
N PRO B 75 7.34 -26.35 27.03
CA PRO B 75 7.87 -26.83 25.74
C PRO B 75 8.85 -25.87 25.09
N SER B 76 8.86 -24.60 25.48
CA SER B 76 9.68 -23.59 24.82
C SER B 76 11.16 -23.92 24.90
N ILE B 77 11.89 -23.64 23.82
CA ILE B 77 13.34 -23.71 23.82
C ILE B 77 13.86 -22.41 23.22
N PRO B 78 14.87 -21.77 23.85
CA PRO B 78 15.39 -20.49 23.33
C PRO B 78 16.41 -20.58 22.22
N ASN B 79 15.99 -20.62 20.94
CA ASN B 79 16.94 -20.51 19.83
C ASN B 79 16.19 -20.06 18.57
N VAL B 80 16.40 -18.80 18.16
CA VAL B 80 15.83 -18.26 16.94
C VAL B 80 16.94 -17.60 16.14
N LEU B 81 16.81 -17.59 14.80
CA LEU B 81 17.76 -16.86 13.97
C LEU B 81 17.08 -15.99 12.90
N ARG B 82 15.80 -15.65 13.08
CA ARG B 82 15.10 -14.62 12.32
C ARG B 82 14.96 -14.79 10.81
N TRP B 83 14.40 -13.73 10.20
CA TRP B 83 13.82 -13.67 8.85
C TRP B 83 14.62 -12.76 7.92
N LEU B 84 15.44 -13.30 7.02
CA LEU B 84 15.93 -12.44 5.94
C LEU B 84 15.66 -12.95 4.54
N ILE B 85 16.18 -14.12 4.17
CA ILE B 85 15.95 -14.72 2.84
C ILE B 85 15.76 -16.22 2.99
N MET B 86 15.88 -16.71 4.22
CA MET B 86 16.36 -18.07 4.50
C MET B 86 15.29 -19.17 4.48
N GLU B 87 14.28 -19.11 5.35
CA GLU B 87 13.28 -20.17 5.33
C GLU B 87 12.07 -19.84 4.49
N LYS B 88 11.85 -18.56 4.19
CA LYS B 88 10.70 -18.22 3.37
C LYS B 88 10.95 -18.60 1.92
N ASP B 89 12.08 -18.12 1.37
CA ASP B 89 12.55 -18.41 0.02
C ASP B 89 11.35 -18.55 -0.89
N HIS B 90 11.29 -19.62 -1.67
CA HIS B 90 10.04 -19.89 -2.37
C HIS B 90 9.87 -21.42 -2.45
N SER B 91 9.14 -21.97 -1.49
CA SER B 91 8.80 -23.38 -1.48
C SER B 91 7.31 -23.61 -1.67
N SER B 92 6.50 -22.55 -1.59
CA SER B 92 5.10 -22.58 -1.96
C SER B 92 4.88 -22.14 -3.40
N VAL B 93 5.77 -21.30 -3.92
CA VAL B 93 5.77 -20.84 -5.30
C VAL B 93 4.38 -20.33 -5.69
N PRO B 94 3.95 -19.15 -5.22
CA PRO B 94 2.75 -18.55 -5.81
C PRO B 94 3.03 -18.15 -7.26
N SER B 95 2.18 -18.64 -8.15
CA SER B 95 2.36 -18.45 -9.58
C SER B 95 1.68 -17.16 -10.04
N SER B 96 1.52 -17.03 -11.35
CA SER B 96 0.77 -15.91 -11.93
C SER B 96 -0.54 -15.70 -11.20
N LYS B 97 -0.82 -14.43 -10.90
CA LYS B 97 -1.95 -14.05 -10.05
C LYS B 97 -3.27 -14.71 -10.43
N GLU B 98 -3.51 -14.99 -11.72
CA GLU B 98 -4.76 -15.66 -12.10
C GLU B 98 -4.92 -17.00 -11.37
N GLU B 99 -3.83 -17.77 -11.26
CA GLU B 99 -3.84 -18.94 -10.39
C GLU B 99 -4.37 -18.56 -9.02
N LEU B 100 -3.83 -17.50 -8.43
CA LEU B 100 -4.18 -17.16 -7.05
C LEU B 100 -5.64 -16.74 -6.97
N ASP B 101 -6.13 -16.05 -8.01
CA ASP B 101 -7.54 -15.67 -8.07
C ASP B 101 -8.43 -16.90 -8.05
N LYS B 102 -8.05 -17.94 -8.80
CA LYS B 102 -8.83 -19.17 -8.74
C LYS B 102 -8.75 -19.80 -7.35
N GLU B 103 -7.52 -20.03 -6.86
CA GLU B 103 -7.35 -20.71 -5.58
C GLU B 103 -7.83 -19.84 -4.41
N LEU B 104 -7.34 -18.61 -4.34
CA LEU B 104 -7.60 -17.70 -3.22
C LEU B 104 -8.23 -16.43 -3.77
N PRO B 105 -9.54 -16.46 -4.04
CA PRO B 105 -10.21 -15.24 -4.53
C PRO B 105 -10.42 -14.24 -3.39
N VAL B 106 -10.06 -12.99 -3.64
CA VAL B 106 -10.29 -11.92 -2.69
C VAL B 106 -11.70 -11.38 -2.92
N LEU B 107 -12.55 -11.46 -1.89
CA LEU B 107 -13.91 -10.98 -1.97
C LEU B 107 -14.00 -9.52 -1.54
N LYS B 108 -15.15 -8.92 -1.86
CA LYS B 108 -15.42 -7.54 -1.48
C LYS B 108 -16.29 -7.55 -0.23
N PRO B 109 -15.81 -7.05 0.91
CA PRO B 109 -16.55 -7.24 2.16
C PRO B 109 -17.95 -6.64 2.08
N TYR B 110 -18.85 -7.19 2.91
CA TYR B 110 -20.25 -6.77 2.87
C TYR B 110 -20.40 -5.30 3.20
N PHE B 111 -19.60 -4.78 4.14
CA PHE B 111 -19.77 -3.40 4.56
C PHE B 111 -19.27 -2.38 3.54
N ILE B 112 -18.83 -2.83 2.37
CA ILE B 112 -18.49 -1.93 1.27
C ILE B 112 -19.74 -1.66 0.45
N THR B 113 -20.35 -2.72 -0.07
CA THR B 113 -21.56 -2.58 -0.87
C THR B 113 -22.73 -2.12 -0.01
N ASN B 114 -22.80 -2.59 1.23
CA ASN B 114 -23.87 -2.26 2.17
C ASN B 114 -23.26 -1.71 3.45
N PRO B 115 -22.88 -0.42 3.47
CA PRO B 115 -22.33 0.14 4.71
C PRO B 115 -23.27 0.04 5.90
N GLU B 116 -24.58 -0.02 5.67
CA GLU B 116 -25.52 -0.32 6.73
CA GLU B 116 -25.53 -0.31 6.74
C GLU B 116 -25.39 -1.78 7.13
N GLU B 117 -26.26 -2.25 8.03
CA GLU B 117 -26.31 -3.66 8.38
C GLU B 117 -25.07 -4.07 9.18
N ALA B 118 -24.10 -3.16 9.29
CA ALA B 118 -22.88 -3.43 10.02
C ALA B 118 -23.03 -3.24 11.52
N GLY B 119 -24.05 -3.86 12.11
CA GLY B 119 -24.09 -3.96 13.55
C GLY B 119 -24.10 -5.43 13.90
N VAL B 120 -24.89 -5.84 14.90
CA VAL B 120 -25.11 -7.26 15.12
C VAL B 120 -26.57 -7.51 15.51
N ARG B 121 -27.25 -6.44 15.92
CA ARG B 121 -28.60 -6.53 16.48
C ARG B 121 -28.64 -7.53 17.63
N GLU B 122 -27.64 -7.43 18.50
CA GLU B 122 -27.46 -8.33 19.65
C GLU B 122 -27.51 -9.77 19.14
N ALA B 123 -28.07 -10.67 19.96
CA ALA B 123 -28.18 -12.09 19.64
C ALA B 123 -26.88 -12.71 19.18
N GLY B 124 -26.73 -12.84 17.87
CA GLY B 124 -25.60 -13.55 17.28
C GLY B 124 -24.28 -12.82 17.27
N LEU B 125 -23.44 -13.19 16.31
CA LEU B 125 -22.04 -12.82 16.24
C LEU B 125 -21.62 -12.86 14.78
N ARG B 126 -21.11 -11.75 14.26
CA ARG B 126 -20.66 -11.71 12.87
C ARG B 126 -19.15 -11.57 12.83
N VAL B 127 -18.52 -12.25 11.86
CA VAL B 127 -17.07 -12.19 11.73
C VAL B 127 -16.71 -12.01 10.26
N THR B 128 -15.62 -11.27 10.03
CA THR B 128 -15.07 -11.05 8.70
C THR B 128 -13.57 -11.22 8.75
N TRP B 129 -13.04 -12.03 7.83
CA TRP B 129 -11.59 -12.25 7.73
C TRP B 129 -11.02 -11.25 6.74
N LEU B 130 -10.07 -10.44 7.22
CA LEU B 130 -9.43 -9.40 6.40
C LEU B 130 -7.97 -9.75 6.11
N GLY B 131 -7.70 -11.04 5.93
CA GLY B 131 -6.36 -11.51 5.66
C GLY B 131 -5.53 -11.74 6.90
N HIS B 132 -4.55 -12.63 6.81
CA HIS B 132 -3.65 -12.98 7.90
C HIS B 132 -4.37 -13.12 9.24
N ALA B 133 -3.98 -12.31 10.22
CA ALA B 133 -4.61 -12.31 11.53
C ALA B 133 -5.59 -11.15 11.71
N THR B 134 -5.83 -10.37 10.66
CA THR B 134 -6.77 -9.26 10.72
C THR B 134 -8.18 -9.80 10.73
N VAL B 135 -8.90 -9.63 11.84
CA VAL B 135 -10.25 -10.17 11.97
C VAL B 135 -11.16 -9.08 12.52
N MET B 136 -12.33 -8.89 11.89
CA MET B 136 -13.31 -7.93 12.35
C MET B 136 -14.48 -8.68 12.96
N VAL B 137 -14.76 -8.40 14.23
CA VAL B 137 -15.75 -9.14 15.01
C VAL B 137 -16.83 -8.16 15.47
N GLU B 138 -18.10 -8.55 15.28
CA GLU B 138 -19.24 -7.73 15.63
C GLU B 138 -20.15 -8.53 16.57
N MET B 139 -20.31 -8.03 17.79
CA MET B 139 -21.09 -8.72 18.81
C MET B 139 -21.37 -7.76 19.95
N ASP B 140 -22.50 -7.99 20.62
CA ASP B 140 -22.85 -7.30 21.85
C ASP B 140 -22.65 -5.79 21.70
N GLU B 141 -23.14 -5.27 20.56
CA GLU B 141 -23.16 -3.85 20.23
C GLU B 141 -21.76 -3.26 20.02
N LEU B 142 -20.76 -4.10 19.78
CA LEU B 142 -19.37 -3.68 19.58
C LEU B 142 -18.84 -4.25 18.28
N ILE B 143 -18.03 -3.46 17.59
CA ILE B 143 -17.27 -3.92 16.44
C ILE B 143 -15.79 -3.68 16.72
N PHE B 144 -15.01 -4.75 16.78
CA PHE B 144 -13.59 -4.61 17.09
C PHE B 144 -12.73 -5.39 16.09
N LEU B 145 -11.62 -4.78 15.71
CA LEU B 145 -10.61 -5.37 14.85
C LEU B 145 -9.55 -6.11 15.68
N THR B 146 -8.83 -7.02 15.03
CA THR B 146 -7.78 -7.79 15.68
C THR B 146 -6.62 -7.93 14.71
N ASP B 147 -5.43 -7.55 15.19
CA ASP B 147 -4.15 -7.58 14.50
C ASP B 147 -4.26 -7.01 13.09
N PRO B 148 -4.53 -5.71 12.94
CA PRO B 148 -4.79 -5.15 11.61
C PRO B 148 -3.50 -4.94 10.84
N ILE B 149 -3.41 -5.57 9.68
CA ILE B 149 -2.33 -5.35 8.72
C ILE B 149 -2.97 -5.00 7.39
N PHE B 150 -2.74 -3.78 6.91
CA PHE B 150 -3.28 -3.33 5.64
C PHE B 150 -2.22 -2.93 4.63
N SER B 151 -0.99 -2.72 5.07
CA SER B 151 0.12 -2.49 4.16
C SER B 151 0.44 -3.76 3.39
N SER B 152 1.06 -3.58 2.21
CA SER B 152 1.49 -4.74 1.44
C SER B 152 2.59 -5.51 2.16
N ARG B 153 3.55 -4.79 2.75
CA ARG B 153 4.73 -5.40 3.34
C ARG B 153 4.64 -5.36 4.86
N ALA B 154 4.97 -6.49 5.50
CA ALA B 154 5.08 -6.59 6.95
C ALA B 154 6.56 -6.54 7.30
N SER B 155 7.08 -5.32 7.42
CA SER B 155 8.52 -5.11 7.55
C SER B 155 8.81 -3.68 7.96
N PRO B 156 9.93 -3.41 8.65
CA PRO B 156 10.28 -2.02 8.96
C PRO B 156 10.84 -1.26 7.77
N SER B 157 11.35 -1.97 6.76
CA SER B 157 11.87 -1.35 5.55
C SER B 157 10.83 -1.42 4.43
N GLN B 158 11.06 -0.61 3.40
CA GLN B 158 10.27 -0.67 2.17
C GLN B 158 10.96 -1.50 1.10
N TYR B 159 12.17 -1.98 1.37
CA TYR B 159 13.00 -2.62 0.35
C TYR B 159 13.21 -4.11 0.59
N MET B 160 13.00 -4.58 1.83
CA MET B 160 13.11 -5.99 2.16
C MET B 160 12.02 -6.35 3.16
N GLY B 161 11.59 -7.61 3.12
CA GLY B 161 10.54 -8.08 4.00
C GLY B 161 9.44 -8.80 3.25
N PRO B 162 8.59 -9.52 3.97
CA PRO B 162 7.51 -10.29 3.33
C PRO B 162 6.37 -9.40 2.86
N LYS B 163 6.15 -9.39 1.56
CA LYS B 163 5.05 -8.67 0.94
C LYS B 163 3.91 -9.63 0.64
N ARG B 164 2.70 -9.28 1.10
CA ARG B 164 1.54 -10.14 0.93
C ARG B 164 1.30 -10.42 -0.55
N PHE B 165 0.92 -11.67 -0.85
CA PHE B 165 0.56 -12.03 -2.21
C PHE B 165 -0.93 -11.90 -2.48
N ARG B 166 -1.72 -11.55 -1.47
CA ARG B 166 -3.14 -11.27 -1.64
C ARG B 166 -3.42 -9.88 -1.09
N ARG B 167 -4.03 -9.03 -1.90
CA ARG B 167 -4.33 -7.67 -1.46
CA ARG B 167 -4.35 -7.67 -1.49
C ARG B 167 -5.35 -7.68 -0.34
N SER B 168 -5.28 -6.65 0.50
CA SER B 168 -6.22 -6.53 1.60
C SER B 168 -7.64 -6.41 1.06
N PRO B 169 -8.61 -7.10 1.67
CA PRO B 169 -9.98 -7.07 1.14
C PRO B 169 -10.59 -5.68 1.11
N CYS B 170 -10.22 -4.80 2.04
CA CYS B 170 -10.74 -3.44 2.07
C CYS B 170 -9.67 -2.52 2.61
N THR B 171 -9.99 -1.24 2.70
CA THR B 171 -9.10 -0.23 3.25
C THR B 171 -9.70 0.34 4.53
N ILE B 172 -8.88 1.15 5.21
CA ILE B 172 -9.30 1.72 6.49
C ILE B 172 -10.49 2.64 6.31
N SER B 173 -10.46 3.47 5.26
CA SER B 173 -11.55 4.40 5.01
C SER B 173 -12.87 3.67 4.79
N GLU B 174 -12.82 2.45 4.26
CA GLU B 174 -14.02 1.70 3.91
C GLU B 174 -14.59 0.88 5.05
N LEU B 175 -13.88 0.77 6.20
CA LEU B 175 -14.49 -0.13 7.18
C LEU B 175 -15.41 0.65 8.12
N PRO B 176 -16.43 -0.02 8.67
CA PRO B 176 -17.40 0.68 9.54
C PRO B 176 -16.75 1.14 10.83
N PRO B 177 -17.47 1.95 11.65
CA PRO B 177 -16.88 2.45 12.90
C PRO B 177 -16.35 1.36 13.83
N ILE B 178 -15.04 1.35 14.03
CA ILE B 178 -14.40 0.41 14.95
C ILE B 178 -14.48 0.97 16.36
N ASP B 179 -14.76 0.10 17.33
CA ASP B 179 -14.79 0.50 18.73
C ASP B 179 -13.58 0.05 19.53
N ALA B 180 -12.83 -0.93 19.05
CA ALA B 180 -11.66 -1.44 19.76
C ALA B 180 -10.77 -2.19 18.79
N VAL B 181 -9.47 -2.21 19.08
CA VAL B 181 -8.50 -3.02 18.35
C VAL B 181 -7.76 -3.89 19.35
N LEU B 182 -7.52 -5.15 18.98
CA LEU B 182 -6.81 -6.10 19.82
C LEU B 182 -5.46 -6.42 19.18
N ILE B 183 -4.41 -6.33 19.98
CA ILE B 183 -3.05 -6.62 19.52
C ILE B 183 -2.56 -7.85 20.28
N SER B 184 -2.35 -8.95 19.55
CA SER B 184 -1.84 -10.17 20.17
C SER B 184 -0.39 -10.00 20.59
N HIS B 185 0.50 -9.73 19.63
CA HIS B 185 1.90 -9.44 19.92
C HIS B 185 2.37 -8.38 18.94
N ASN B 186 3.66 -8.06 18.98
CA ASN B 186 4.20 -6.87 18.33
C ASN B 186 4.92 -7.15 17.01
N HIS B 187 4.80 -8.36 16.47
CA HIS B 187 5.51 -8.68 15.24
C HIS B 187 4.95 -7.87 14.07
N TYR B 188 5.78 -7.75 13.02
CA TYR B 188 5.48 -6.85 11.92
C TYR B 188 4.28 -7.30 11.08
N ASP B 189 3.87 -8.56 11.20
CA ASP B 189 2.70 -9.05 10.49
C ASP B 189 1.43 -8.98 11.32
N HIS B 190 1.50 -8.40 12.52
CA HIS B 190 0.33 -8.22 13.36
C HIS B 190 0.22 -6.77 13.81
N LEU B 191 1.36 -6.10 13.93
CA LEU B 191 1.43 -4.68 14.29
C LEU B 191 2.03 -3.91 13.12
N ASP B 192 1.20 -3.10 12.46
CA ASP B 192 1.60 -2.34 11.28
C ASP B 192 1.54 -0.85 11.62
N TYR B 193 2.72 -0.21 11.65
CA TYR B 193 2.79 1.21 11.98
C TYR B 193 1.82 2.03 11.14
N ASN B 194 1.86 1.84 9.82
CA ASN B 194 1.01 2.61 8.92
C ASN B 194 -0.46 2.33 9.18
N SER B 195 -0.80 1.08 9.50
CA SER B 195 -2.19 0.77 9.84
C SER B 195 -2.62 1.53 11.10
N VAL B 196 -1.77 1.54 12.14
CA VAL B 196 -2.10 2.30 13.34
C VAL B 196 -2.28 3.77 13.01
N ILE B 197 -1.39 4.31 12.17
CA ILE B 197 -1.51 5.70 11.74
C ILE B 197 -2.86 5.95 11.08
N ALA B 198 -3.24 5.08 10.14
CA ALA B 198 -4.51 5.24 9.42
C ALA B 198 -5.69 5.19 10.38
N LEU B 199 -5.69 4.20 11.28
CA LEU B 199 -6.81 4.05 12.21
C LEU B 199 -6.91 5.24 13.14
N ASN B 200 -5.79 5.68 13.70
CA ASN B 200 -5.80 6.85 14.58
C ASN B 200 -6.00 8.16 13.82
N GLU B 201 -5.91 8.15 12.49
CA GLU B 201 -6.24 9.36 11.74
C GLU B 201 -7.74 9.43 11.48
N ARG B 202 -8.32 8.33 11.01
CA ARG B 202 -9.77 8.27 10.87
C ARG B 202 -10.44 8.21 12.23
N PHE B 203 -10.17 7.15 12.98
CA PHE B 203 -10.55 7.08 14.39
C PHE B 203 -9.49 7.78 15.22
N GLY B 204 -9.55 7.58 16.53
CA GLY B 204 -8.60 8.22 17.40
C GLY B 204 -8.83 7.83 18.85
N ASN B 205 -9.03 8.88 19.61
CA ASN B 205 -9.57 8.91 20.96
C ASN B 205 -10.72 7.92 21.14
N GLU B 206 -11.65 7.89 20.18
CA GLU B 206 -12.74 6.90 20.18
C GLU B 206 -12.24 5.47 19.99
N LEU B 207 -11.02 5.26 19.54
CA LEU B 207 -10.51 3.92 19.27
C LEU B 207 -9.77 3.43 20.51
N ARG B 208 -10.30 2.40 21.16
CA ARG B 208 -9.67 1.81 22.34
C ARG B 208 -8.73 0.70 21.88
N TRP B 209 -7.44 0.92 22.07
CA TRP B 209 -6.42 -0.07 21.74
C TRP B 209 -6.11 -0.92 22.96
N PHE B 210 -6.22 -2.24 22.80
CA PHE B 210 -5.89 -3.21 23.84
C PHE B 210 -4.59 -3.88 23.44
N VAL B 211 -3.53 -3.67 24.23
CA VAL B 211 -2.20 -4.14 23.86
C VAL B 211 -1.60 -4.88 25.05
N PRO B 212 -0.61 -5.74 24.80
CA PRO B 212 0.10 -6.39 25.89
C PRO B 212 0.96 -5.40 26.67
N LEU B 213 1.49 -5.89 27.80
CA LEU B 213 2.43 -5.10 28.59
C LEU B 213 3.68 -4.78 27.79
N GLY B 214 4.07 -3.50 27.81
CA GLY B 214 5.26 -3.03 27.13
C GLY B 214 5.00 -2.25 25.86
N LEU B 215 3.77 -2.23 25.37
CA LEU B 215 3.44 -1.56 24.12
C LEU B 215 2.72 -0.24 24.32
N LEU B 216 2.43 0.15 25.58
CA LEU B 216 1.75 1.42 25.84
C LEU B 216 2.57 2.59 25.33
N ASP B 217 3.87 2.59 25.63
CA ASP B 217 4.76 3.62 25.11
C ASP B 217 4.67 3.70 23.60
N TRP B 218 4.83 2.56 22.93
CA TRP B 218 4.79 2.50 21.47
C TRP B 218 3.49 3.08 20.93
N MET B 219 2.36 2.70 21.54
CA MET B 219 1.06 3.19 21.08
C MET B 219 0.96 4.70 21.22
N GLN B 220 1.42 5.24 22.35
CA GLN B 220 1.39 6.69 22.53
C GLN B 220 2.31 7.41 21.54
N LYS B 221 3.51 6.85 21.31
CA LYS B 221 4.43 7.42 20.33
C LYS B 221 3.83 7.42 18.93
N CYS B 222 2.95 6.45 18.64
CA CYS B 222 2.23 6.49 17.37
C CYS B 222 1.17 7.59 17.36
N GLY B 223 0.59 7.90 18.51
CA GLY B 223 -0.36 8.99 18.60
C GLY B 223 -1.73 8.58 19.11
N CYS B 224 -1.81 7.45 19.81
CA CYS B 224 -3.06 6.92 20.34
C CYS B 224 -3.17 7.30 21.81
N GLU B 225 -4.32 7.84 22.19
CA GLU B 225 -4.57 8.22 23.58
C GLU B 225 -5.38 7.21 24.37
N ASN B 226 -6.23 6.42 23.71
CA ASN B 226 -7.11 5.46 24.37
C ASN B 226 -6.46 4.08 24.29
N VAL B 227 -5.44 3.88 25.13
CA VAL B 227 -4.59 2.71 25.06
C VAL B 227 -4.52 2.02 26.42
N ILE B 228 -4.63 0.70 26.43
CA ILE B 228 -4.71 -0.12 27.64
C ILE B 228 -3.70 -1.26 27.55
N GLU B 229 -2.71 -1.24 28.44
CA GLU B 229 -1.75 -2.34 28.61
C GLU B 229 -2.33 -3.40 29.54
N LEU B 230 -2.29 -4.67 29.12
CA LEU B 230 -2.81 -5.76 29.93
C LEU B 230 -1.77 -6.86 30.10
N ASP B 231 -1.74 -7.45 31.29
CA ASP B 231 -0.96 -8.63 31.65
C ASP B 231 -1.83 -9.90 31.60
N TRP B 232 -1.19 -11.05 31.84
CA TRP B 232 -1.90 -12.31 31.74
C TRP B 232 -3.10 -12.31 32.69
N TRP B 233 -4.26 -12.74 32.18
CA TRP B 233 -5.48 -12.86 32.98
C TRP B 233 -5.97 -11.52 33.53
N GLU B 234 -5.56 -10.41 32.93
CA GLU B 234 -6.07 -9.11 33.35
C GLU B 234 -7.18 -8.66 32.39
N GLU B 235 -8.11 -7.88 32.92
CA GLU B 235 -9.31 -7.52 32.18
C GLU B 235 -9.52 -6.02 32.18
N ASN B 236 -10.36 -5.58 31.25
CA ASN B 236 -10.79 -4.20 31.10
C ASN B 236 -12.00 -4.19 30.17
N CYS B 237 -12.46 -3.01 29.80
CA CYS B 237 -13.67 -2.87 29.01
C CYS B 237 -13.59 -1.58 28.20
N VAL B 238 -14.57 -1.41 27.32
CA VAL B 238 -14.75 -0.16 26.58
C VAL B 238 -15.52 0.77 27.53
N PRO B 239 -15.16 2.06 27.62
CA PRO B 239 -15.87 2.95 28.55
C PRO B 239 -17.38 2.89 28.40
N GLY B 240 -17.86 2.94 27.15
CA GLY B 240 -19.27 2.87 26.84
C GLY B 240 -19.97 1.62 27.35
N HIS B 241 -19.51 0.46 26.89
CA HIS B 241 -20.18 -0.81 27.17
C HIS B 241 -19.40 -1.57 28.23
N ASP B 242 -19.86 -1.47 29.47
CA ASP B 242 -19.23 -2.16 30.60
C ASP B 242 -19.65 -3.62 30.71
N LYS B 243 -20.67 -4.05 29.96
CA LYS B 243 -21.12 -5.44 30.04
C LYS B 243 -20.12 -6.41 29.44
N VAL B 244 -19.33 -5.94 28.49
CA VAL B 244 -18.30 -6.76 27.85
C VAL B 244 -16.98 -6.58 28.57
N THR B 245 -16.23 -7.66 28.72
CA THR B 245 -14.90 -7.63 29.30
C THR B 245 -13.88 -8.15 28.31
N PHE B 246 -12.75 -7.45 28.18
CA PHE B 246 -11.64 -7.89 27.36
C PHE B 246 -10.53 -8.37 28.29
N VAL B 247 -10.14 -9.64 28.13
CA VAL B 247 -9.15 -10.26 29.00
C VAL B 247 -7.95 -10.68 28.16
N PHE B 248 -6.76 -10.31 28.62
CA PHE B 248 -5.53 -10.77 28.02
C PHE B 248 -5.16 -12.12 28.64
N THR B 249 -4.93 -13.11 27.81
CA THR B 249 -4.72 -14.49 28.22
C THR B 249 -3.42 -15.00 27.62
N PRO B 250 -2.83 -16.04 28.21
CA PRO B 250 -1.49 -16.49 27.78
C PRO B 250 -1.49 -17.05 26.36
N SER B 251 -0.26 -17.32 25.91
CA SER B 251 0.06 -17.85 24.59
C SER B 251 1.55 -18.13 24.58
N GLN B 252 1.96 -19.02 23.69
CA GLN B 252 3.36 -19.45 23.62
C GLN B 252 3.94 -18.87 22.33
N HIS B 253 4.45 -17.65 22.42
CA HIS B 253 5.02 -16.95 21.29
C HIS B 253 6.13 -16.03 21.82
N TRP B 254 6.53 -15.06 21.01
CA TRP B 254 7.59 -14.14 21.39
C TRP B 254 7.32 -12.78 20.75
N CYS B 255 8.09 -11.78 21.15
CA CYS B 255 7.97 -10.43 20.63
C CYS B 255 9.32 -9.93 20.16
N LYS B 256 9.32 -9.23 19.01
CA LYS B 256 10.53 -8.64 18.47
C LYS B 256 10.19 -7.67 17.34
N ARG B 257 10.78 -6.48 17.39
CA ARG B 257 10.70 -5.55 16.27
C ARG B 257 12.07 -5.03 15.85
N THR B 258 12.97 -4.82 16.81
CA THR B 258 14.30 -4.27 16.51
C THR B 258 15.39 -5.11 17.17
N LEU B 259 16.61 -4.59 17.21
CA LEU B 259 17.71 -5.29 17.86
C LEU B 259 17.61 -5.18 19.38
N MET B 260 17.73 -6.32 20.05
CA MET B 260 17.88 -6.42 21.51
C MET B 260 16.64 -6.00 22.28
N ASP B 261 15.52 -5.74 21.61
CA ASP B 261 14.26 -5.53 22.30
C ASP B 261 13.43 -6.80 22.39
N ASP B 262 14.06 -7.95 22.11
CA ASP B 262 13.39 -9.25 22.15
C ASP B 262 12.68 -9.44 23.48
N ASN B 263 11.36 -9.62 23.40
CA ASN B 263 10.50 -9.94 24.54
C ASN B 263 10.48 -8.84 25.59
N LYS B 264 10.92 -7.63 25.22
CA LYS B 264 10.68 -6.47 26.07
C LYS B 264 9.19 -6.17 26.17
N VAL B 265 8.41 -6.62 25.18
CA VAL B 265 6.97 -6.49 25.15
C VAL B 265 6.37 -7.89 25.19
N LEU B 266 5.19 -8.00 25.78
CA LEU B 266 4.54 -9.30 25.92
C LEU B 266 3.79 -9.67 24.63
N TRP B 267 3.52 -10.97 24.51
CA TRP B 267 2.67 -11.57 23.50
C TRP B 267 1.43 -12.11 24.21
N GLY B 268 0.55 -12.77 23.47
CA GLY B 268 -0.56 -13.42 24.13
C GLY B 268 -1.74 -13.65 23.20
N SER B 269 -2.92 -13.75 23.82
CA SER B 269 -4.18 -14.02 23.16
C SER B 269 -5.26 -13.22 23.87
N TRP B 270 -6.43 -13.10 23.25
CA TRP B 270 -7.51 -12.28 23.78
C TRP B 270 -8.77 -13.11 23.95
N SER B 271 -9.47 -12.87 25.07
CA SER B 271 -10.79 -13.46 25.31
C SER B 271 -11.77 -12.32 25.56
N VAL B 272 -12.83 -12.27 24.77
CA VAL B 272 -13.85 -11.23 24.87
C VAL B 272 -15.11 -11.88 25.40
N LEU B 273 -15.50 -11.48 26.61
CA LEU B 273 -16.64 -12.05 27.31
C LEU B 273 -17.77 -11.02 27.30
N GLY B 274 -18.69 -11.17 26.36
CA GLY B 274 -19.91 -10.41 26.38
C GLY B 274 -20.99 -11.16 27.14
N PRO B 275 -22.07 -10.47 27.49
CA PRO B 275 -23.22 -11.17 28.08
C PRO B 275 -23.83 -12.17 27.10
N TRP B 276 -23.80 -11.83 25.82
CA TRP B 276 -24.54 -12.49 24.74
C TRP B 276 -23.68 -13.48 23.96
N ASN B 277 -22.41 -13.15 23.73
CA ASN B 277 -21.48 -14.00 22.98
C ASN B 277 -20.11 -14.00 23.65
N ARG B 278 -19.42 -15.13 23.55
CA ARG B 278 -18.05 -15.28 24.04
C ARG B 278 -17.12 -15.63 22.88
N PHE B 279 -16.02 -14.89 22.75
CA PHE B 279 -15.13 -15.03 21.60
C PHE B 279 -13.68 -15.17 22.06
N PHE B 280 -12.93 -16.02 21.38
CA PHE B 280 -11.51 -16.21 21.64
C PHE B 280 -10.71 -15.85 20.40
N PHE B 281 -9.53 -15.26 20.59
CA PHE B 281 -8.63 -14.95 19.50
C PHE B 281 -7.23 -15.33 19.95
N ALA B 282 -6.67 -16.39 19.33
CA ALA B 282 -5.41 -16.93 19.80
C ALA B 282 -4.23 -16.03 19.47
N GLY B 283 -4.21 -15.48 18.26
CA GLY B 283 -3.06 -14.71 17.81
C GLY B 283 -2.01 -15.60 17.18
N ASP B 284 -0.81 -15.63 17.77
CA ASP B 284 0.27 -16.51 17.35
C ASP B 284 0.72 -17.36 18.52
N THR B 285 0.90 -18.66 18.29
CA THR B 285 1.26 -19.56 19.37
C THR B 285 1.65 -20.92 18.81
N GLY B 286 2.59 -21.57 19.50
CA GLY B 286 2.70 -23.01 19.45
C GLY B 286 1.76 -23.63 20.47
N TYR B 287 1.64 -24.96 20.43
CA TYR B 287 0.76 -25.61 21.37
C TYR B 287 1.31 -25.49 22.79
N CYS B 288 0.41 -25.31 23.75
CA CYS B 288 0.82 -25.08 25.12
C CYS B 288 -0.34 -25.40 26.04
N PRO B 289 -0.08 -25.63 27.34
CA PRO B 289 -1.15 -25.93 28.29
C PRO B 289 -2.00 -24.73 28.71
N ALA B 290 -1.71 -23.51 28.30
CA ALA B 290 -2.50 -22.37 28.78
C ALA B 290 -3.86 -22.28 28.09
N PHE B 291 -4.02 -22.93 26.94
CA PHE B 291 -5.31 -22.94 26.27
C PHE B 291 -6.31 -23.85 26.98
N GLU B 292 -5.85 -24.92 27.61
CA GLU B 292 -6.73 -25.68 28.51
C GLU B 292 -7.21 -24.81 29.66
N GLU B 293 -6.30 -24.02 30.24
CA GLU B 293 -6.68 -23.09 31.29
C GLU B 293 -7.73 -22.10 30.81
N ILE B 294 -7.55 -21.55 29.61
CA ILE B 294 -8.52 -20.62 29.05
C ILE B 294 -9.87 -21.30 28.84
N GLY B 295 -9.85 -22.50 28.25
CA GLY B 295 -11.08 -23.26 28.07
C GLY B 295 -11.80 -23.55 29.38
N LYS B 296 -11.06 -23.62 30.49
CA LYS B 296 -11.72 -23.89 31.77
C LYS B 296 -12.23 -22.60 32.44
N ARG B 297 -11.32 -21.68 32.77
CA ARG B 297 -11.70 -20.42 33.41
C ARG B 297 -12.85 -19.73 32.67
N PHE B 298 -12.65 -19.46 31.39
CA PHE B 298 -13.71 -18.94 30.55
C PHE B 298 -14.26 -20.09 29.72
N GLY B 299 -15.14 -19.79 28.76
CA GLY B 299 -15.70 -20.80 27.93
C GLY B 299 -16.96 -21.40 28.52
N PRO B 300 -17.79 -22.04 27.68
CA PRO B 300 -17.55 -22.31 26.25
C PRO B 300 -17.62 -21.05 25.38
N PHE B 301 -16.75 -20.96 24.38
CA PHE B 301 -16.71 -19.83 23.48
C PHE B 301 -17.60 -20.08 22.27
N ASP B 302 -17.97 -19.00 21.60
CA ASP B 302 -18.77 -19.11 20.38
C ASP B 302 -17.90 -19.17 19.14
N LEU B 303 -16.88 -18.31 19.08
CA LEU B 303 -15.92 -18.33 17.99
C LEU B 303 -14.51 -18.25 18.57
N ALA B 304 -13.58 -18.96 17.94
CA ALA B 304 -12.16 -18.85 18.24
C ALA B 304 -11.41 -18.69 16.92
N ALA B 305 -10.51 -17.73 16.86
CA ALA B 305 -9.65 -17.53 15.69
C ALA B 305 -8.30 -18.17 15.98
N ILE B 306 -7.98 -19.25 15.27
CA ILE B 306 -6.80 -20.06 15.53
C ILE B 306 -5.86 -19.95 14.33
N PRO B 307 -4.57 -19.66 14.53
CA PRO B 307 -3.63 -19.72 13.41
C PRO B 307 -3.43 -21.15 12.98
N ILE B 308 -3.33 -21.34 11.66
CA ILE B 308 -3.15 -22.68 11.10
C ILE B 308 -2.02 -22.66 10.08
N GLY B 309 -1.26 -21.56 10.04
CA GLY B 309 -0.22 -21.37 9.07
C GLY B 309 1.12 -21.07 9.72
N ALA B 310 2.17 -21.10 8.87
CA ALA B 310 3.54 -20.81 9.28
C ALA B 310 4.06 -21.86 10.27
N TYR B 311 3.82 -23.13 9.95
CA TYR B 311 4.17 -24.22 10.90
C TYR B 311 5.21 -25.15 10.29
N GLU B 312 6.00 -24.64 9.33
CA GLU B 312 7.00 -25.52 8.64
C GLU B 312 8.13 -25.83 9.64
N PRO B 313 9.36 -26.26 9.25
CA PRO B 313 10.38 -26.71 10.19
C PRO B 313 9.81 -26.84 11.60
N ARG B 314 8.83 -27.74 11.78
CA ARG B 314 8.18 -27.93 13.10
C ARG B 314 9.27 -28.10 14.16
N TRP B 315 10.25 -28.97 13.90
CA TRP B 315 11.39 -29.13 14.83
C TRP B 315 11.76 -27.75 15.39
N PHE B 316 11.67 -26.72 14.55
CA PHE B 316 11.99 -25.34 15.01
C PHE B 316 10.71 -24.57 15.35
N MET B 317 9.75 -24.49 14.41
CA MET B 317 8.60 -23.65 14.70
C MET B 317 7.73 -24.14 15.86
N LYS B 318 7.66 -25.46 16.08
CA LYS B 318 6.66 -26.04 16.96
C LYS B 318 6.54 -25.30 18.29
N TYR B 319 7.64 -24.69 18.74
CA TYR B 319 7.67 -23.98 20.01
C TYR B 319 7.02 -22.60 19.92
N GLN B 320 6.73 -22.12 18.70
CA GLN B 320 6.11 -20.83 18.51
C GLN B 320 5.00 -20.82 17.47
N HIS B 321 4.68 -21.95 16.84
CA HIS B 321 3.71 -21.97 15.77
C HIS B 321 3.02 -23.32 15.72
N VAL B 322 1.74 -23.36 16.07
CA VAL B 322 0.98 -24.60 15.90
C VAL B 322 0.92 -24.95 14.41
N ASP B 323 0.76 -26.23 14.14
CA ASP B 323 0.35 -26.74 12.85
C ASP B 323 -1.12 -27.12 12.92
N PRO B 324 -1.75 -27.44 11.78
CA PRO B 324 -3.21 -27.71 11.81
C PRO B 324 -3.64 -28.78 12.80
N GLU B 325 -2.84 -29.83 12.99
CA GLU B 325 -3.15 -30.79 14.04
C GLU B 325 -3.20 -30.12 15.39
N GLU B 326 -2.16 -29.35 15.72
CA GLU B 326 -2.17 -28.60 16.97
C GLU B 326 -3.25 -27.52 16.96
N ALA B 327 -3.66 -27.03 15.79
CA ALA B 327 -4.75 -26.06 15.73
C ALA B 327 -6.08 -26.68 16.16
N VAL B 328 -6.39 -27.88 15.64
CA VAL B 328 -7.57 -28.59 16.11
C VAL B 328 -7.42 -28.95 17.57
N ARG B 329 -6.19 -29.25 17.98
CA ARG B 329 -5.92 -29.48 19.40
C ARG B 329 -6.30 -28.26 20.24
N ILE B 330 -5.98 -27.07 19.74
CA ILE B 330 -6.37 -25.83 20.41
C ILE B 330 -7.89 -25.72 20.45
N HIS B 331 -8.54 -25.93 19.30
CA HIS B 331 -9.99 -25.84 19.21
C HIS B 331 -10.67 -26.71 20.26
N THR B 332 -10.16 -27.93 20.45
CA THR B 332 -10.69 -28.79 21.51
C THR B 332 -10.37 -28.20 22.88
N ASP B 333 -9.14 -27.73 23.08
CA ASP B 333 -8.73 -27.22 24.39
C ASP B 333 -9.61 -26.06 24.85
N VAL B 334 -9.88 -25.10 23.96
CA VAL B 334 -10.49 -23.84 24.37
C VAL B 334 -12.00 -23.99 24.60
N GLN B 335 -12.59 -25.11 24.21
CA GLN B 335 -14.01 -25.39 24.42
C GLN B 335 -14.89 -24.42 23.63
N THR B 336 -14.52 -24.14 22.39
CA THR B 336 -15.30 -23.28 21.52
C THR B 336 -16.22 -24.11 20.63
N LYS B 337 -17.37 -23.51 20.29
CA LYS B 337 -18.30 -24.17 19.38
C LYS B 337 -17.80 -24.16 17.94
N LYS B 338 -17.12 -23.08 17.53
CA LYS B 338 -16.66 -22.95 16.16
C LYS B 338 -15.27 -22.31 16.15
N SER B 339 -14.57 -22.48 15.03
CA SER B 339 -13.21 -21.94 14.92
C SER B 339 -12.94 -21.49 13.49
N MET B 340 -12.16 -20.42 13.38
CA MET B 340 -11.82 -19.79 12.10
C MET B 340 -10.31 -19.91 11.88
N ALA B 341 -9.94 -20.31 10.67
CA ALA B 341 -8.55 -20.49 10.25
C ALA B 341 -7.92 -19.15 9.91
N ILE B 342 -7.15 -18.58 10.85
CA ILE B 342 -6.46 -17.32 10.61
C ILE B 342 -4.98 -17.62 10.48
N HIS B 343 -4.16 -16.58 10.26
CA HIS B 343 -2.83 -16.72 9.68
C HIS B 343 -3.03 -17.33 8.30
N TRP B 344 -1.97 -17.82 7.66
CA TRP B 344 -2.05 -18.53 6.37
C TRP B 344 -2.62 -17.67 5.25
N GLY B 345 -2.34 -18.05 4.00
CA GLY B 345 -3.02 -17.47 2.86
C GLY B 345 -2.69 -16.04 2.50
N THR B 346 -2.06 -15.28 3.40
CA THR B 346 -1.79 -13.87 3.17
C THR B 346 -0.31 -13.59 3.01
N PHE B 347 0.51 -13.97 3.99
CA PHE B 347 1.95 -13.84 3.90
C PHE B 347 2.58 -15.21 3.92
N ALA B 348 3.68 -15.35 3.18
CA ALA B 348 4.51 -16.55 3.24
C ALA B 348 5.49 -16.33 4.37
N LEU B 349 5.16 -16.84 5.56
CA LEU B 349 6.01 -16.68 6.73
C LEU B 349 6.75 -17.96 7.09
N ALA B 350 6.67 -19.00 6.26
CA ALA B 350 7.34 -20.26 6.50
C ALA B 350 7.50 -20.98 5.17
N ASN B 351 7.83 -22.28 5.23
CA ASN B 351 8.21 -23.04 4.05
C ASN B 351 7.05 -23.82 3.42
N GLU B 352 5.95 -24.03 4.15
CA GLU B 352 4.88 -24.89 3.65
C GLU B 352 4.24 -24.32 2.39
N HIS B 353 3.73 -25.24 1.55
CA HIS B 353 2.93 -24.83 0.40
C HIS B 353 1.76 -23.98 0.86
N TYR B 354 1.49 -22.91 0.10
CA TYR B 354 0.49 -21.94 0.57
C TYR B 354 -0.93 -22.52 0.61
N LEU B 355 -1.21 -23.62 -0.11
CA LEU B 355 -2.49 -24.30 0.01
C LEU B 355 -2.46 -25.46 0.98
N GLU B 356 -1.27 -25.87 1.44
CA GLU B 356 -1.18 -27.04 2.33
C GLU B 356 -1.94 -26.87 3.64
N PRO B 357 -1.86 -25.75 4.37
CA PRO B 357 -2.42 -25.69 5.72
C PRO B 357 -3.92 -26.01 5.76
N PRO B 358 -4.73 -25.56 4.79
CA PRO B 358 -6.14 -26.02 4.80
C PRO B 358 -6.29 -27.52 4.65
N VAL B 359 -5.48 -28.14 3.77
CA VAL B 359 -5.56 -29.59 3.59
C VAL B 359 -5.21 -30.31 4.87
N LYS B 360 -4.11 -29.88 5.52
CA LYS B 360 -3.71 -30.49 6.77
C LYS B 360 -4.75 -30.24 7.87
N LEU B 361 -5.42 -29.08 7.83
CA LEU B 361 -6.48 -28.81 8.79
C LEU B 361 -7.64 -29.77 8.61
N ASN B 362 -8.04 -30.04 7.37
CA ASN B 362 -9.12 -30.98 7.14
C ASN B 362 -8.72 -32.40 7.55
N GLU B 363 -7.47 -32.77 7.28
CA GLU B 363 -6.99 -34.08 7.69
C GLU B 363 -7.01 -34.23 9.22
N ALA B 364 -6.51 -33.21 9.93
CA ALA B 364 -6.53 -33.25 11.38
C ALA B 364 -7.94 -33.19 11.94
N LEU B 365 -8.85 -32.51 11.25
CA LEU B 365 -10.24 -32.46 11.68
C LEU B 365 -10.89 -33.82 11.58
N GLU B 366 -10.69 -34.51 10.45
CA GLU B 366 -11.14 -35.88 10.32
C GLU B 366 -10.52 -36.78 11.38
N ARG B 367 -9.23 -36.57 11.66
CA ARG B 367 -8.53 -37.34 12.70
C ARG B 367 -9.31 -37.33 14.00
N TYR B 368 -9.79 -36.16 14.41
CA TYR B 368 -10.43 -35.98 15.70
C TYR B 368 -11.94 -36.19 15.64
N GLY B 369 -12.46 -36.74 14.54
CA GLY B 369 -13.89 -36.97 14.42
C GLY B 369 -14.70 -35.69 14.34
N LEU B 370 -14.25 -34.73 13.53
CA LEU B 370 -14.94 -33.46 13.38
C LEU B 370 -15.18 -33.19 11.90
N ASN B 371 -15.94 -32.14 11.63
CA ASN B 371 -16.30 -31.76 10.27
CA ASN B 371 -16.32 -31.76 10.27
C ASN B 371 -16.00 -30.29 10.06
N ALA B 372 -15.90 -29.91 8.77
CA ALA B 372 -15.59 -28.53 8.40
C ALA B 372 -16.53 -27.54 9.06
N GLU B 373 -17.77 -27.96 9.36
CA GLU B 373 -18.69 -27.10 10.10
C GLU B 373 -18.07 -26.61 11.39
N ASP B 374 -17.40 -27.50 12.13
CA ASP B 374 -16.83 -27.12 13.42
C ASP B 374 -15.67 -26.15 13.26
N PHE B 375 -14.81 -26.37 12.27
CA PHE B 375 -13.60 -25.57 12.05
C PHE B 375 -13.53 -25.23 10.57
N PHE B 376 -13.83 -23.97 10.23
CA PHE B 376 -13.98 -23.55 8.85
C PHE B 376 -12.90 -22.55 8.46
N VAL B 377 -12.56 -22.55 7.18
CA VAL B 377 -11.64 -21.56 6.60
C VAL B 377 -12.45 -20.70 5.63
N LEU B 378 -12.33 -19.38 5.79
CA LEU B 378 -13.03 -18.44 4.93
C LEU B 378 -12.14 -17.99 3.78
N LYS B 379 -12.78 -17.37 2.78
CA LYS B 379 -12.04 -16.68 1.74
C LYS B 379 -11.65 -15.29 2.22
N HIS B 380 -10.75 -14.65 1.48
CA HIS B 380 -10.32 -13.30 1.81
C HIS B 380 -11.49 -12.34 1.63
N GLY B 381 -11.96 -11.76 2.73
CA GLY B 381 -13.08 -10.85 2.69
C GLY B 381 -14.44 -11.47 2.96
N GLU B 382 -14.53 -12.80 3.01
CA GLU B 382 -15.80 -13.44 3.29
C GLU B 382 -16.22 -13.21 4.73
N SER B 383 -17.52 -13.18 4.97
CA SER B 383 -18.09 -12.99 6.30
C SER B 383 -18.88 -14.23 6.71
N ARG B 384 -19.25 -14.27 7.99
CA ARG B 384 -20.00 -15.39 8.53
C ARG B 384 -20.77 -14.95 9.77
N TYR B 385 -22.07 -15.24 9.79
CA TYR B 385 -22.94 -14.94 10.93
C TYR B 385 -23.22 -16.20 11.73
N LEU B 386 -23.23 -16.07 13.06
CA LEU B 386 -23.40 -17.19 13.98
C LEU B 386 -24.32 -16.76 15.11
N ASN B 387 -25.56 -17.24 15.09
CA ASN B 387 -26.52 -16.95 16.16
C ASN B 387 -26.50 -18.05 17.21
N ASN B 388 -26.52 -17.65 18.47
CA ASN B 388 -26.35 -18.56 19.59
C ASN B 388 -27.69 -19.17 20.03
N ASP B 389 -27.62 -20.05 21.02
CA ASP B 389 -28.78 -20.75 21.57
C ASP B 389 -29.81 -19.79 22.16
#